data_5KMX
#
_entry.id   5KMX
#
_cell.length_a   75.810
_cell.length_b   87.651
_cell.length_c   98.891
_cell.angle_alpha   90.000
_cell.angle_beta   113.270
_cell.angle_gamma   90.000
#
_symmetry.space_group_name_H-M   'P 1 21 1'
#
loop_
_entity.id
_entity.type
_entity.pdbx_description
1 polymer 'Putative uncharacterized protein TCIL3000_10_9440'
2 polymer 'Putative uncharacterized protein TCIL3000_10_9440'
3 non-polymer 'SULFATE ION'
4 non-polymer GLYCEROL
5 water water
#
loop_
_entity_poly.entity_id
_entity_poly.type
_entity_poly.pdbx_seq_one_letter_code
_entity_poly.pdbx_strand_id
1 'polypeptide(L)'
;GSAMGSSDEPRDDFKEAVNAFNPNPIEKWTGRFNTENASVRRRTLNVPGFKSIPTVYTEATLPLNKDVTDGRLTVVVNIN
TVQPFTRRTPLRVKREKWYTCSSSQCSGSSSKCDCHRKHDEFRNKCISEGGRYTTESSKCRLGEKCGYCKQNVYLATLYL
VAGSVGGGMYRESDKYQSALYPFYDISQGYEPRQPSSVNVRLYSEGDPFIAFQQLTEGREEFGIPNRTVGAAA
;
A,B,C,D
2 'polypeptide(L)' (UNK)(UNK)(UNK)(UNK)(UNK)(UNK)(UNK)(UNK)(UNK)(UNK)(UNK)(UNK)(UNK)(UNK) U
#
loop_
_chem_comp.id
_chem_comp.type
_chem_comp.name
_chem_comp.formula
GOL non-polymer GLYCEROL 'C3 H8 O3'
SO4 non-polymer 'SULFATE ION' 'O4 S -2'
#
# COMPACT_ATOMS: atom_id res chain seq x y z
N PRO A 10 9.28 -0.70 -52.49
CA PRO A 10 8.12 -1.22 -51.78
C PRO A 10 8.50 -2.22 -50.69
N ARG A 11 8.54 -3.52 -51.00
CA ARG A 11 8.98 -4.53 -50.06
C ARG A 11 10.50 -4.47 -49.89
N ASP A 12 11.18 -3.99 -50.93
CA ASP A 12 12.64 -3.89 -50.92
C ASP A 12 13.12 -2.87 -49.92
N ASP A 13 12.39 -1.77 -49.78
CA ASP A 13 12.73 -0.74 -48.80
C ASP A 13 12.63 -1.31 -47.38
N PHE A 14 11.65 -2.17 -47.15
CA PHE A 14 11.50 -2.84 -45.86
C PHE A 14 12.64 -3.84 -45.63
N LYS A 15 12.96 -4.60 -46.67
CA LYS A 15 14.13 -5.47 -46.65
C LYS A 15 15.38 -4.71 -46.23
N GLU A 16 15.50 -3.49 -46.74
CA GLU A 16 16.66 -2.64 -46.46
C GLU A 16 16.72 -2.28 -44.97
N ALA A 17 15.55 -2.08 -44.36
CA ALA A 17 15.47 -1.69 -42.96
C ALA A 17 15.72 -2.86 -42.02
N VAL A 18 15.13 -4.01 -42.34
CA VAL A 18 15.24 -5.20 -41.48
C VAL A 18 16.70 -5.65 -41.34
N ASN A 19 17.43 -5.64 -42.44
CA ASN A 19 18.81 -6.12 -42.44
C ASN A 19 19.76 -5.17 -41.71
N ALA A 20 19.49 -3.87 -41.82
CA ALA A 20 20.34 -2.86 -41.20
C ALA A 20 20.13 -2.79 -39.69
N PHE A 21 18.97 -3.27 -39.23
CA PHE A 21 18.58 -3.13 -37.84
C PHE A 21 19.48 -3.92 -36.88
N ASN A 22 19.99 -3.22 -35.87
CA ASN A 22 20.80 -3.83 -34.82
C ASN A 22 20.14 -3.65 -33.45
N PRO A 23 19.56 -4.72 -32.89
CA PRO A 23 18.83 -4.61 -31.62
C PRO A 23 19.71 -4.62 -30.38
N ASN A 24 21.00 -4.91 -30.54
CA ASN A 24 21.91 -5.05 -29.41
C ASN A 24 21.94 -3.85 -28.46
N PRO A 25 22.11 -2.62 -29.00
CA PRO A 25 22.12 -1.47 -28.11
C PRO A 25 20.83 -1.26 -27.32
N ILE A 26 19.71 -1.67 -27.91
CA ILE A 26 18.41 -1.49 -27.27
C ILE A 26 18.25 -2.40 -26.06
N GLU A 27 19.05 -3.47 -26.02
CA GLU A 27 19.06 -4.39 -24.88
C GLU A 27 19.49 -3.68 -23.60
N LYS A 28 20.08 -2.50 -23.75
CA LYS A 28 20.55 -1.71 -22.61
C LYS A 28 19.52 -0.69 -22.13
N TRP A 29 18.37 -0.64 -22.79
CA TRP A 29 17.36 0.37 -22.49
C TRP A 29 16.54 0.03 -21.25
N THR A 30 17.22 -0.20 -20.14
CA THR A 30 16.55 -0.30 -18.84
C THR A 30 16.38 1.10 -18.28
N GLY A 31 15.61 1.22 -17.21
CA GLY A 31 15.37 2.51 -16.59
C GLY A 31 13.97 2.57 -16.02
N ARG A 32 13.32 3.71 -16.17
CA ARG A 32 11.96 3.88 -15.65
C ARG A 32 11.10 4.79 -16.51
N PHE A 33 9.83 4.40 -16.62
CA PHE A 33 8.78 5.28 -17.12
C PHE A 33 8.00 5.77 -15.90
N ASN A 34 8.13 7.06 -15.60
CA ASN A 34 7.61 7.61 -14.34
C ASN A 34 8.18 6.83 -13.15
N THR A 35 7.33 6.06 -12.47
CA THR A 35 7.72 5.34 -11.26
C THR A 35 8.17 3.92 -11.57
N GLU A 36 7.59 3.35 -12.63
CA GLU A 36 7.72 1.92 -12.91
C GLU A 36 9.04 1.57 -13.60
N ASN A 37 9.61 0.43 -13.24
CA ASN A 37 10.82 -0.06 -13.90
C ASN A 37 10.53 -0.51 -15.32
N ALA A 38 11.47 -0.27 -16.22
CA ALA A 38 11.31 -0.64 -17.62
C ALA A 38 11.88 -2.04 -17.90
N SER A 39 11.28 -2.73 -18.86
CA SER A 39 11.75 -4.06 -19.26
C SER A 39 11.90 -4.13 -20.77
N VAL A 40 13.08 -4.52 -21.22
CA VAL A 40 13.33 -4.69 -22.65
C VAL A 40 12.65 -5.95 -23.15
N ARG A 41 11.92 -5.82 -24.26
CA ARG A 41 11.17 -6.93 -24.83
C ARG A 41 11.59 -7.20 -26.26
N ARG A 42 12.20 -8.36 -26.49
CA ARG A 42 12.55 -8.80 -27.83
C ARG A 42 11.45 -9.71 -28.36
N ARG A 43 10.75 -9.26 -29.39
CA ARG A 43 9.67 -10.02 -30.00
C ARG A 43 9.88 -10.14 -31.50
N THR A 44 9.02 -10.92 -32.16
CA THR A 44 9.15 -11.16 -33.58
C THR A 44 8.01 -10.53 -34.38
N LEU A 45 8.36 -10.03 -35.57
CA LEU A 45 7.38 -9.44 -36.48
C LEU A 45 7.09 -10.43 -37.61
N ASN A 46 5.87 -10.96 -37.64
CA ASN A 46 5.49 -11.98 -38.62
C ASN A 46 4.83 -11.37 -39.85
N VAL A 47 5.61 -11.27 -40.93
CA VAL A 47 5.12 -10.76 -42.21
C VAL A 47 5.39 -11.80 -43.29
N PRO A 48 4.40 -12.05 -44.19
CA PRO A 48 4.58 -13.07 -45.23
C PRO A 48 5.82 -12.89 -46.09
N GLY A 49 6.52 -13.99 -46.37
CA GLY A 49 7.68 -13.97 -47.25
C GLY A 49 8.99 -13.65 -46.54
N PHE A 50 8.92 -13.48 -45.22
CA PHE A 50 10.09 -13.17 -44.42
C PHE A 50 10.31 -14.18 -43.30
N LYS A 51 11.57 -14.44 -42.98
CA LYS A 51 11.90 -15.15 -41.75
C LYS A 51 11.50 -14.25 -40.58
N SER A 52 11.34 -14.83 -39.40
CA SER A 52 10.90 -14.08 -38.22
C SER A 52 11.76 -12.83 -37.99
N ILE A 53 11.12 -11.67 -38.06
CA ILE A 53 11.83 -10.38 -37.97
C ILE A 53 11.92 -9.89 -36.53
N PRO A 54 13.12 -9.51 -36.08
CA PRO A 54 13.29 -9.06 -34.70
C PRO A 54 12.84 -7.62 -34.46
N THR A 55 11.91 -7.43 -33.53
CA THR A 55 11.50 -6.09 -33.10
C THR A 55 11.75 -5.97 -31.60
N VAL A 56 12.46 -4.91 -31.20
CA VAL A 56 12.86 -4.75 -29.81
C VAL A 56 12.51 -3.37 -29.27
N TYR A 57 11.95 -3.36 -28.06
CA TYR A 57 11.57 -2.13 -27.38
C TYR A 57 11.61 -2.33 -25.88
N THR A 58 11.67 -1.23 -25.13
CA THR A 58 11.59 -1.27 -23.68
C THR A 58 10.23 -0.74 -23.28
N GLU A 59 9.64 -1.30 -22.22
CA GLU A 59 8.26 -0.99 -21.86
C GLU A 59 7.97 -1.05 -20.36
N ALA A 60 6.80 -0.54 -20.00
CA ALA A 60 6.30 -0.64 -18.64
C ALA A 60 4.79 -0.38 -18.64
N THR A 61 4.12 -0.81 -17.57
CA THR A 61 2.70 -0.58 -17.42
C THR A 61 2.47 0.53 -16.40
N LEU A 62 1.95 1.66 -16.86
CA LEU A 62 1.71 2.81 -16.00
C LEU A 62 0.27 2.85 -15.50
N PRO A 63 0.09 2.85 -14.16
CA PRO A 63 -1.27 3.01 -13.63
C PRO A 63 -1.73 4.46 -13.71
N LEU A 64 -3.03 4.68 -13.89
CA LEU A 64 -3.57 6.02 -13.86
C LEU A 64 -3.59 6.52 -12.42
N ASN A 65 -2.74 7.49 -12.12
CA ASN A 65 -2.64 8.04 -10.77
C ASN A 65 -2.40 9.55 -10.84
N LYS A 66 -1.35 10.03 -10.19
CA LYS A 66 -1.05 11.47 -10.19
C LYS A 66 -0.40 11.89 -11.50
N ASP A 67 -0.12 10.93 -12.37
CA ASP A 67 0.41 11.24 -13.69
C ASP A 67 -0.68 11.76 -14.63
N VAL A 68 -1.92 11.73 -14.16
CA VAL A 68 -3.05 12.26 -14.91
C VAL A 68 -3.47 13.62 -14.34
N THR A 69 -3.62 14.60 -15.23
CA THR A 69 -4.07 15.93 -14.84
C THR A 69 -4.93 16.54 -15.95
N ASP A 70 -6.20 16.76 -15.64
CA ASP A 70 -7.12 17.40 -16.58
C ASP A 70 -7.20 16.64 -17.90
N GLY A 71 -7.18 15.32 -17.81
CA GLY A 71 -7.40 14.47 -18.99
C GLY A 71 -6.15 14.14 -19.78
N ARG A 72 -4.99 14.58 -19.31
CA ARG A 72 -3.72 14.31 -19.99
C ARG A 72 -2.77 13.48 -19.14
N LEU A 73 -2.12 12.52 -19.78
CA LEU A 73 -1.15 11.64 -19.13
C LEU A 73 0.26 12.13 -19.38
N THR A 74 0.96 12.53 -18.31
CA THR A 74 2.36 12.93 -18.41
C THR A 74 3.26 11.76 -18.07
N VAL A 75 4.18 11.44 -18.98
CA VAL A 75 5.14 10.37 -18.77
C VAL A 75 6.56 10.91 -18.84
N VAL A 76 7.36 10.59 -17.82
CA VAL A 76 8.77 10.98 -17.78
C VAL A 76 9.63 9.78 -18.16
N VAL A 77 10.40 9.94 -19.23
CA VAL A 77 11.19 8.84 -19.77
C VAL A 77 12.65 8.93 -19.32
N ASN A 78 13.03 8.02 -18.42
CA ASN A 78 14.40 7.94 -17.92
C ASN A 78 15.02 6.60 -18.24
N ILE A 79 15.39 6.41 -19.51
CA ILE A 79 15.95 5.15 -19.99
C ILE A 79 17.44 5.31 -20.31
N ASN A 80 18.22 4.30 -19.95
CA ASN A 80 19.67 4.36 -20.13
C ASN A 80 20.06 4.56 -21.59
N THR A 81 21.09 5.38 -21.80
CA THR A 81 21.60 5.72 -23.14
C THR A 81 20.64 6.61 -23.92
N VAL A 82 19.48 6.90 -23.34
CA VAL A 82 18.50 7.79 -23.97
C VAL A 82 18.42 9.09 -23.20
N GLN A 83 18.70 10.21 -23.86
CA GLN A 83 18.57 11.51 -23.24
C GLN A 83 17.13 11.67 -22.76
N PRO A 84 16.93 11.87 -21.44
CA PRO A 84 15.58 11.82 -20.90
C PRO A 84 14.68 12.92 -21.45
N PHE A 85 13.37 12.66 -21.44
CA PHE A 85 12.40 13.62 -21.93
C PHE A 85 11.04 13.34 -21.30
N THR A 86 10.12 14.28 -21.48
CA THR A 86 8.75 14.13 -20.98
C THR A 86 7.79 14.13 -22.16
N ARG A 87 6.72 13.34 -22.04
CA ARG A 87 5.68 13.31 -23.05
C ARG A 87 4.31 13.44 -22.41
N ARG A 88 3.49 14.31 -22.97
CA ARG A 88 2.11 14.48 -22.54
C ARG A 88 1.17 14.00 -23.63
N THR A 89 0.19 13.19 -23.26
CA THR A 89 -0.76 12.63 -24.20
C THR A 89 -2.18 12.73 -23.67
N PRO A 90 -3.13 13.15 -24.53
CA PRO A 90 -4.52 13.16 -24.06
C PRO A 90 -5.06 11.75 -23.86
N LEU A 91 -5.80 11.54 -22.77
CA LEU A 91 -6.38 10.24 -22.49
C LEU A 91 -7.49 9.93 -23.47
N ARG A 92 -8.13 10.97 -23.99
CA ARG A 92 -9.27 10.83 -24.89
C ARG A 92 -9.07 11.56 -26.20
N VAL A 93 -9.37 10.90 -27.30
CA VAL A 93 -9.37 11.53 -28.62
C VAL A 93 -10.58 11.05 -29.41
N LYS A 94 -10.79 11.63 -30.58
CA LYS A 94 -11.92 11.29 -31.43
C LYS A 94 -11.52 10.37 -32.58
N ARG A 95 -12.41 9.44 -32.92
CA ARG A 95 -12.19 8.50 -34.01
C ARG A 95 -13.29 8.69 -35.06
N GLU A 96 -12.91 9.14 -36.25
CA GLU A 96 -13.88 9.41 -37.32
C GLU A 96 -13.85 8.32 -38.39
N LYS A 97 -14.98 7.65 -38.56
CA LYS A 97 -15.10 6.57 -39.54
C LYS A 97 -16.26 6.84 -40.50
N TRP A 98 -15.97 6.74 -41.80
CA TRP A 98 -16.95 7.05 -42.84
C TRP A 98 -17.68 5.80 -43.32
N TYR A 99 -19.00 5.91 -43.46
CA TYR A 99 -19.79 4.87 -44.09
C TYR A 99 -19.92 5.13 -45.58
N THR A 100 -19.60 4.12 -46.38
CA THR A 100 -19.75 4.19 -47.82
C THR A 100 -20.74 3.14 -48.29
N CYS A 101 -21.73 3.56 -49.06
CA CYS A 101 -22.71 2.65 -49.61
C CYS A 101 -22.08 1.76 -50.68
N SER A 102 -21.62 0.58 -50.27
CA SER A 102 -20.96 -0.34 -51.18
C SER A 102 -21.93 -1.37 -51.71
N SER A 103 -21.48 -2.17 -52.68
CA SER A 103 -22.31 -3.21 -53.26
C SER A 103 -22.73 -4.23 -52.21
N SER A 104 -22.03 -4.24 -51.09
CA SER A 104 -22.34 -5.15 -49.99
C SER A 104 -23.62 -4.74 -49.27
N CYS A 115 -28.05 0.21 -49.90
CA CYS A 115 -27.30 -0.09 -48.69
C CYS A 115 -28.05 0.43 -47.46
N HIS A 116 -29.36 0.51 -47.58
CA HIS A 116 -30.20 1.08 -46.52
C HIS A 116 -30.12 0.27 -45.23
N ARG A 117 -30.11 -1.05 -45.35
CA ARG A 117 -30.11 -1.93 -44.19
C ARG A 117 -28.79 -1.92 -43.43
N LYS A 118 -27.68 -1.86 -44.18
CA LYS A 118 -26.36 -1.85 -43.57
C LYS A 118 -25.96 -0.45 -43.11
N HIS A 119 -26.72 0.55 -43.55
CA HIS A 119 -26.42 1.94 -43.22
C HIS A 119 -26.92 2.34 -41.84
N ASP A 120 -28.17 2.03 -41.54
CA ASP A 120 -28.77 2.47 -40.29
C ASP A 120 -28.27 1.68 -39.09
N GLU A 121 -27.71 0.48 -39.34
CA GLU A 121 -27.11 -0.28 -38.25
C GLU A 121 -25.76 0.36 -37.91
N PHE A 122 -25.00 0.72 -38.94
CA PHE A 122 -23.78 1.49 -38.76
C PHE A 122 -24.11 2.76 -37.97
N ARG A 123 -25.25 3.35 -38.29
CA ARG A 123 -25.74 4.53 -37.59
C ARG A 123 -26.02 4.18 -36.13
N ASN A 124 -26.68 3.05 -35.92
CA ASN A 124 -27.06 2.62 -34.59
C ASN A 124 -25.85 2.23 -33.74
N LYS A 125 -24.90 1.51 -34.33
CA LYS A 125 -23.66 1.16 -33.63
C LYS A 125 -22.97 2.40 -33.10
N CYS A 126 -22.87 3.42 -33.95
CA CYS A 126 -22.22 4.67 -33.59
C CYS A 126 -22.89 5.31 -32.39
N ILE A 127 -24.20 5.50 -32.46
CA ILE A 127 -24.94 6.05 -31.34
C ILE A 127 -24.80 5.09 -30.15
N SER A 128 -25.16 3.83 -30.37
CA SER A 128 -25.19 2.82 -29.31
C SER A 128 -23.88 2.70 -28.54
N GLU A 129 -22.76 2.89 -29.22
CA GLU A 129 -21.45 2.72 -28.60
C GLU A 129 -20.93 4.04 -28.03
N GLY A 130 -21.79 5.05 -27.96
CA GLY A 130 -21.44 6.32 -27.34
C GLY A 130 -21.05 7.40 -28.33
N GLY A 131 -20.90 7.03 -29.60
CA GLY A 131 -20.47 7.98 -30.62
C GLY A 131 -21.60 8.84 -31.15
N ARG A 132 -21.25 9.77 -32.05
CA ARG A 132 -22.22 10.63 -32.71
C ARG A 132 -22.17 10.46 -34.22
N TYR A 133 -23.33 10.37 -34.85
CA TYR A 133 -23.42 10.19 -36.30
C TYR A 133 -23.79 11.49 -37.00
N THR A 134 -23.18 11.71 -38.16
CA THR A 134 -23.43 12.91 -38.97
C THR A 134 -23.74 12.51 -40.40
N THR A 135 -24.84 13.03 -40.94
CA THR A 135 -25.24 12.76 -42.32
C THR A 135 -24.57 13.76 -43.27
N GLU A 136 -24.14 13.27 -44.43
CA GLU A 136 -23.50 14.11 -45.44
C GLU A 136 -24.29 14.10 -46.76
N SER A 137 -25.29 13.23 -46.85
CA SER A 137 -26.14 13.16 -48.03
C SER A 137 -27.59 12.93 -47.64
N SER A 138 -28.50 13.54 -48.37
CA SER A 138 -29.93 13.39 -48.11
C SER A 138 -30.38 11.94 -48.34
N LYS A 139 -29.70 11.26 -49.26
CA LYS A 139 -29.98 9.86 -49.55
C LYS A 139 -28.68 9.08 -49.71
N CYS A 140 -28.67 7.85 -49.22
CA CYS A 140 -27.47 7.02 -49.24
C CYS A 140 -27.42 6.16 -50.50
N ARG A 141 -26.81 6.71 -51.55
CA ARG A 141 -26.72 6.05 -52.85
C ARG A 141 -25.43 5.26 -52.98
N LEU A 142 -25.42 4.28 -53.88
CA LEU A 142 -24.26 3.43 -54.11
C LEU A 142 -23.00 4.26 -54.37
N GLY A 143 -21.93 3.95 -53.63
CA GLY A 143 -20.65 4.60 -53.81
C GLY A 143 -20.58 5.97 -53.15
N GLU A 144 -21.59 6.31 -52.37
CA GLU A 144 -21.67 7.62 -51.74
C GLU A 144 -21.16 7.60 -50.30
N LYS A 145 -20.50 8.68 -49.91
CA LYS A 145 -20.17 8.91 -48.51
C LYS A 145 -21.40 9.47 -47.80
N CYS A 146 -22.22 8.56 -47.27
CA CYS A 146 -23.52 8.92 -46.73
C CYS A 146 -23.41 9.67 -45.40
N GLY A 147 -22.32 9.43 -44.68
CA GLY A 147 -22.12 10.05 -43.39
C GLY A 147 -20.96 9.40 -42.64
N TYR A 148 -20.73 9.85 -41.41
CA TYR A 148 -19.62 9.34 -40.61
C TYR A 148 -19.99 9.28 -39.13
N CYS A 149 -19.19 8.54 -38.37
CA CYS A 149 -19.36 8.42 -36.93
C CYS A 149 -18.16 9.03 -36.20
N LYS A 150 -18.44 9.89 -35.23
CA LYS A 150 -17.39 10.42 -34.37
C LYS A 150 -17.44 9.70 -33.02
N GLN A 151 -16.39 8.92 -32.75
CA GLN A 151 -16.36 8.02 -31.62
C GLN A 151 -15.31 8.43 -30.60
N ASN A 152 -15.66 8.34 -29.32
CA ASN A 152 -14.70 8.56 -28.24
C ASN A 152 -13.88 7.31 -27.98
N VAL A 153 -12.56 7.44 -28.08
CA VAL A 153 -11.65 6.34 -27.80
C VAL A 153 -10.60 6.79 -26.79
N TYR A 154 -10.06 5.83 -26.04
CA TYR A 154 -9.24 6.15 -24.87
C TYR A 154 -7.90 5.42 -24.86
N LEU A 155 -6.88 6.11 -24.37
CA LEU A 155 -5.50 5.64 -24.46
C LEU A 155 -5.27 4.33 -23.70
N ALA A 156 -4.70 3.36 -24.39
CA ALA A 156 -4.39 2.06 -23.81
C ALA A 156 -2.90 1.76 -23.93
N THR A 157 -2.34 2.01 -25.11
CA THR A 157 -0.92 1.73 -25.38
C THR A 157 -0.24 2.95 -25.99
N LEU A 158 0.91 3.32 -25.43
CA LEU A 158 1.64 4.52 -25.85
C LEU A 158 3.00 4.14 -26.44
N TYR A 159 3.20 4.50 -27.71
CA TYR A 159 4.46 4.21 -28.41
C TYR A 159 5.34 5.46 -28.50
N LEU A 160 6.58 5.33 -28.06
CA LEU A 160 7.55 6.42 -28.15
C LEU A 160 8.74 5.97 -28.99
N VAL A 161 9.41 6.91 -29.63
CA VAL A 161 10.55 6.60 -30.49
C VAL A 161 11.77 7.47 -30.15
N ALA A 162 12.90 6.82 -29.94
CA ALA A 162 14.16 7.50 -29.68
C ALA A 162 15.09 7.39 -30.88
N GLY A 163 15.47 8.53 -31.44
CA GLY A 163 16.37 8.56 -32.58
C GLY A 163 17.81 8.45 -32.13
N SER A 164 18.64 7.80 -32.95
CA SER A 164 20.04 7.60 -32.62
C SER A 164 20.87 8.86 -32.78
N VAL A 165 21.68 9.13 -31.76
CA VAL A 165 22.71 10.15 -31.82
C VAL A 165 24.04 9.41 -31.78
N GLY A 166 25.11 10.04 -32.26
CA GLY A 166 26.42 9.41 -32.20
C GLY A 166 26.83 9.12 -30.77
N GLY A 167 27.91 8.36 -30.60
CA GLY A 167 28.42 8.07 -29.28
C GLY A 167 27.47 7.27 -28.42
N GLY A 168 26.85 6.24 -29.01
CA GLY A 168 26.02 5.32 -28.26
C GLY A 168 24.91 5.97 -27.46
N MET A 169 24.47 7.14 -27.91
CA MET A 169 23.43 7.89 -27.21
C MET A 169 22.18 8.04 -28.08
N TYR A 170 21.04 8.21 -27.42
CA TYR A 170 19.77 8.40 -28.11
C TYR A 170 19.04 9.63 -27.60
N ARG A 171 17.97 9.99 -28.30
CA ARG A 171 17.20 11.18 -28.01
C ARG A 171 15.86 11.03 -28.71
N GLU A 172 14.79 11.54 -28.11
CA GLU A 172 13.45 11.32 -28.65
C GLU A 172 13.36 11.83 -30.08
N SER A 173 12.77 11.03 -30.95
CA SER A 173 12.67 11.35 -32.36
C SER A 173 11.71 12.50 -32.61
N ASP A 174 12.17 13.49 -33.37
CA ASP A 174 11.33 14.61 -33.75
C ASP A 174 10.33 14.19 -34.81
N LYS A 175 10.80 13.43 -35.80
CA LYS A 175 9.96 13.02 -36.92
C LYS A 175 8.96 11.94 -36.53
N TYR A 176 9.41 10.98 -35.72
CA TYR A 176 8.54 9.91 -35.25
C TYR A 176 8.04 10.18 -33.83
N GLN A 177 6.91 10.86 -33.72
CA GLN A 177 6.30 11.12 -32.42
C GLN A 177 5.58 9.88 -31.91
N SER A 178 5.41 8.89 -32.78
CA SER A 178 4.85 7.60 -32.41
C SER A 178 5.45 6.49 -33.28
N ALA A 179 5.24 5.24 -32.88
CA ALA A 179 5.72 4.10 -33.65
C ALA A 179 4.69 3.68 -34.69
N LEU A 180 3.45 4.12 -34.51
CA LEU A 180 2.37 3.80 -35.44
C LEU A 180 2.21 4.89 -36.49
N TYR A 181 2.03 4.49 -37.74
CA TYR A 181 1.66 5.41 -38.81
C TYR A 181 0.36 6.10 -38.40
N PRO A 182 0.21 7.40 -38.69
CA PRO A 182 1.09 8.36 -39.37
C PRO A 182 2.15 9.01 -38.47
N PHE A 183 2.37 8.43 -37.29
CA PHE A 183 3.47 8.82 -36.41
C PHE A 183 3.29 10.20 -35.79
N TYR A 184 2.05 10.60 -35.53
CA TYR A 184 1.78 11.83 -34.78
C TYR A 184 1.79 11.54 -33.27
N ASP A 185 1.67 12.59 -32.47
CA ASP A 185 1.63 12.46 -31.01
C ASP A 185 0.44 11.58 -30.59
N ILE A 186 -0.68 11.71 -31.29
CA ILE A 186 -1.91 11.02 -30.93
C ILE A 186 -2.09 9.69 -31.69
N SER A 187 -1.13 9.36 -32.54
CA SER A 187 -1.17 8.10 -33.27
C SER A 187 -0.83 6.94 -32.33
N GLN A 188 -1.72 6.68 -31.37
CA GLN A 188 -1.48 5.68 -30.35
C GLN A 188 -2.60 4.64 -30.30
N GLY A 189 -2.43 3.63 -29.45
CA GLY A 189 -3.43 2.59 -29.28
C GLY A 189 -4.56 3.07 -28.39
N TYR A 190 -5.67 3.46 -29.01
CA TYR A 190 -6.84 3.92 -28.28
C TYR A 190 -7.96 2.89 -28.31
N GLU A 191 -8.66 2.72 -27.19
CA GLU A 191 -9.71 1.72 -27.06
C GLU A 191 -11.08 2.37 -26.77
N PRO A 192 -12.18 1.71 -27.19
CA PRO A 192 -13.52 2.22 -26.88
C PRO A 192 -13.80 2.29 -25.37
N ARG A 193 -13.16 1.42 -24.59
CA ARG A 193 -13.31 1.43 -23.14
C ARG A 193 -11.95 1.69 -22.48
N GLN A 194 -11.87 2.75 -21.69
CA GLN A 194 -10.60 3.17 -21.10
C GLN A 194 -10.15 2.22 -20.00
N PRO A 195 -8.89 1.73 -20.08
CA PRO A 195 -8.37 0.86 -19.02
C PRO A 195 -7.90 1.63 -17.80
N SER A 196 -7.61 0.91 -16.72
CA SER A 196 -7.13 1.53 -15.49
C SER A 196 -5.64 1.83 -15.56
N SER A 197 -4.96 1.26 -16.56
CA SER A 197 -3.54 1.46 -16.75
C SER A 197 -3.19 1.60 -18.22
N VAL A 198 -2.09 2.29 -18.50
CA VAL A 198 -1.61 2.49 -19.86
C VAL A 198 -0.24 1.83 -20.05
N ASN A 199 -0.08 1.11 -21.16
CA ASN A 199 1.17 0.44 -21.47
C ASN A 199 2.07 1.32 -22.33
N VAL A 200 3.24 1.66 -21.80
CA VAL A 200 4.17 2.54 -22.49
C VAL A 200 5.31 1.76 -23.13
N ARG A 201 5.70 2.16 -24.34
CA ARG A 201 6.74 1.48 -25.09
C ARG A 201 7.67 2.49 -25.77
N LEU A 202 8.98 2.23 -25.71
CA LEU A 202 9.97 3.08 -26.35
C LEU A 202 10.73 2.30 -27.42
N TYR A 203 10.68 2.80 -28.65
CA TYR A 203 11.33 2.15 -29.79
C TYR A 203 12.54 2.94 -30.28
N SER A 204 13.41 2.26 -31.02
CA SER A 204 14.44 2.92 -31.80
C SER A 204 13.87 3.24 -33.17
N GLU A 205 14.38 4.28 -33.82
CA GLU A 205 13.87 4.68 -35.13
C GLU A 205 14.03 3.58 -36.17
N GLY A 206 15.11 2.82 -36.08
CA GLY A 206 15.43 1.80 -37.07
C GLY A 206 14.69 0.49 -36.87
N ASP A 207 13.74 0.46 -35.93
CA ASP A 207 13.02 -0.76 -35.62
C ASP A 207 12.15 -1.17 -36.79
N PRO A 208 12.14 -2.46 -37.15
CA PRO A 208 11.33 -2.90 -38.29
C PRO A 208 9.84 -2.65 -38.11
N PHE A 209 9.36 -2.60 -36.86
CA PHE A 209 7.96 -2.32 -36.61
C PHE A 209 7.58 -0.95 -37.16
N ILE A 210 8.45 0.03 -36.96
CA ILE A 210 8.22 1.37 -37.48
C ILE A 210 8.38 1.39 -38.99
N ALA A 211 9.40 0.69 -39.49
CA ALA A 211 9.64 0.59 -40.91
C ALA A 211 8.46 -0.10 -41.59
N PHE A 212 7.95 -1.14 -40.94
CA PHE A 212 6.74 -1.82 -41.41
C PHE A 212 5.62 -0.79 -41.49
N GLN A 213 5.33 -0.16 -40.36
CA GLN A 213 4.28 0.86 -40.27
C GLN A 213 4.39 1.94 -41.34
N GLN A 214 5.59 2.45 -41.55
CA GLN A 214 5.81 3.54 -42.49
C GLN A 214 5.57 3.12 -43.93
N LEU A 215 6.36 2.17 -44.40
CA LEU A 215 6.33 1.72 -45.79
C LEU A 215 4.97 1.15 -46.18
N THR A 216 4.22 0.72 -45.18
CA THR A 216 2.97 -0.03 -45.42
C THR A 216 1.72 0.76 -45.03
N GLU A 217 1.76 1.39 -43.86
CA GLU A 217 0.62 2.11 -43.27
C GLU A 217 -0.51 1.15 -42.86
N GLY A 218 -0.87 0.20 -43.72
CA GLY A 218 -1.98 -0.71 -43.44
C GLY A 218 -1.62 -2.17 -43.27
N ARG A 219 -0.45 -2.43 -42.66
CA ARG A 219 -0.01 -3.79 -42.31
C ARG A 219 -0.05 -4.85 -43.42
N GLU A 220 -0.01 -4.45 -44.69
CA GLU A 220 0.14 -5.40 -45.78
C GLU A 220 0.93 -4.82 -46.97
N GLU A 221 1.72 -5.68 -47.62
CA GLU A 221 2.48 -5.30 -48.81
C GLU A 221 1.99 -6.06 -50.03
N ASP B 13 -2.38 -28.59 52.44
CA ASP B 13 -3.13 -28.06 51.30
C ASP B 13 -2.58 -28.66 50.00
N PHE B 14 -1.27 -28.58 49.84
CA PHE B 14 -0.59 -29.17 48.70
C PHE B 14 -0.82 -30.68 48.64
N LYS B 15 -0.73 -31.32 49.80
CA LYS B 15 -0.88 -32.77 49.89
C LYS B 15 -2.27 -33.23 49.46
N GLU B 16 -3.29 -32.45 49.80
CA GLU B 16 -4.67 -32.76 49.42
C GLU B 16 -4.85 -32.65 47.90
N ALA B 17 -4.16 -31.68 47.30
CA ALA B 17 -4.25 -31.46 45.86
C ALA B 17 -3.67 -32.64 45.08
N VAL B 18 -2.61 -33.24 45.59
CA VAL B 18 -1.99 -34.38 44.94
C VAL B 18 -2.96 -35.56 44.92
N ASN B 19 -3.68 -35.74 46.03
CA ASN B 19 -4.66 -36.81 46.15
C ASN B 19 -5.87 -36.56 45.24
N ALA B 20 -6.27 -35.30 45.15
CA ALA B 20 -7.45 -34.92 44.37
C ALA B 20 -7.19 -35.07 42.86
N PHE B 21 -5.94 -34.98 42.47
CA PHE B 21 -5.58 -34.96 41.05
C PHE B 21 -5.91 -36.28 40.35
N ASN B 22 -6.43 -36.15 39.13
CA ASN B 22 -6.74 -37.30 38.28
C ASN B 22 -6.21 -37.06 36.87
N PRO B 23 -5.14 -37.77 36.47
CA PRO B 23 -4.48 -37.47 35.19
C PRO B 23 -5.15 -38.10 33.97
N ASN B 24 -6.00 -39.10 34.19
CA ASN B 24 -6.63 -39.83 33.10
C ASN B 24 -7.35 -38.93 32.08
N PRO B 25 -8.21 -38.00 32.55
CA PRO B 25 -8.88 -37.11 31.60
C PRO B 25 -7.91 -36.21 30.82
N ILE B 26 -6.78 -35.88 31.43
CA ILE B 26 -5.80 -34.99 30.80
C ILE B 26 -5.06 -35.70 29.68
N GLU B 27 -5.02 -37.03 29.74
CA GLU B 27 -4.35 -37.83 28.71
C GLU B 27 -5.12 -37.82 27.38
N LYS B 28 -6.30 -37.23 27.39
CA LYS B 28 -7.10 -37.08 26.18
C LYS B 28 -6.89 -35.72 25.51
N TRP B 29 -5.97 -34.92 26.06
CA TRP B 29 -5.78 -33.55 25.57
C TRP B 29 -4.90 -33.49 24.32
N THR B 30 -5.26 -34.27 23.31
CA THR B 30 -4.62 -34.16 22.01
C THR B 30 -5.24 -32.97 21.28
N GLY B 31 -4.63 -32.58 20.16
CA GLY B 31 -5.13 -31.46 19.39
C GLY B 31 -4.01 -30.66 18.74
N ARG B 32 -4.15 -29.33 18.73
CA ARG B 32 -3.18 -28.46 18.09
C ARG B 32 -3.05 -27.10 18.76
N PHE B 33 -1.81 -26.64 18.89
CA PHE B 33 -1.50 -25.26 19.22
C PHE B 33 -1.13 -24.55 17.93
N ASN B 34 -1.95 -23.58 17.52
CA ASN B 34 -1.84 -22.98 16.19
C ASN B 34 -1.79 -24.07 15.11
N THR B 35 -0.63 -24.26 14.49
CA THR B 35 -0.46 -25.22 13.41
C THR B 35 0.10 -26.54 13.93
N GLU B 36 0.83 -26.46 15.03
CA GLU B 36 1.59 -27.60 15.55
C GLU B 36 0.71 -28.57 16.31
N ASN B 37 0.92 -29.87 16.07
CA ASN B 37 0.21 -30.91 16.79
C ASN B 37 0.76 -31.07 18.21
N ALA B 38 -0.12 -30.99 19.19
CA ALA B 38 0.27 -31.07 20.59
C ALA B 38 0.57 -32.51 20.99
N SER B 39 1.47 -32.66 21.97
CA SER B 39 1.84 -33.97 22.48
C SER B 39 1.66 -34.02 23.99
N VAL B 40 0.91 -35.01 24.46
CA VAL B 40 0.67 -35.18 25.88
C VAL B 40 1.94 -35.68 26.56
N ARG B 41 2.25 -35.11 27.72
CA ARG B 41 3.46 -35.45 28.45
C ARG B 41 3.15 -35.82 29.90
N ARG B 42 3.45 -37.06 30.25
CA ARG B 42 3.22 -37.57 31.60
C ARG B 42 4.55 -37.66 32.35
N ARG B 43 4.72 -36.82 33.37
CA ARG B 43 5.99 -36.73 34.08
C ARG B 43 5.78 -36.73 35.59
N THR B 44 6.90 -36.67 36.33
CA THR B 44 6.87 -36.66 37.78
C THR B 44 7.82 -35.61 38.35
N ILE B 53 5.23 -38.08 42.65
CA ILE B 53 4.23 -37.07 42.37
C ILE B 53 4.08 -36.85 40.86
N PRO B 54 2.95 -37.31 40.28
CA PRO B 54 2.75 -37.20 38.83
C PRO B 54 2.28 -35.82 38.37
N THR B 55 2.70 -35.40 37.18
CA THR B 55 2.20 -34.19 36.56
C THR B 55 1.89 -34.46 35.08
N VAL B 56 0.86 -33.81 34.56
CA VAL B 56 0.43 -34.06 33.19
C VAL B 56 0.04 -32.77 32.47
N TYR B 57 0.48 -32.63 31.22
CA TYR B 57 0.18 -31.48 30.40
C TYR B 57 0.35 -31.85 28.93
N THR B 58 -0.22 -31.04 28.05
CA THR B 58 -0.04 -31.21 26.60
C THR B 58 0.78 -30.01 26.09
N GLU B 59 1.72 -30.28 25.20
CA GLU B 59 2.66 -29.26 24.75
C GLU B 59 2.97 -29.31 23.26
N ALA B 60 3.49 -28.20 22.75
CA ALA B 60 3.96 -28.12 21.38
C ALA B 60 5.07 -27.07 21.29
N THR B 61 5.93 -27.21 20.27
CA THR B 61 6.99 -26.25 20.01
C THR B 61 6.54 -25.29 18.91
N LEU B 62 6.37 -24.02 19.27
CA LEU B 62 5.89 -23.01 18.34
C LEU B 62 7.04 -22.25 17.67
N PRO B 63 7.07 -22.22 16.33
CA PRO B 63 8.09 -21.40 15.67
C PRO B 63 7.68 -19.93 15.62
N LEU B 64 8.67 -19.03 15.63
CA LEU B 64 8.38 -17.60 15.50
C LEU B 64 8.19 -17.26 14.02
N ASN B 65 6.94 -17.30 13.57
CA ASN B 65 6.60 -17.03 12.18
C ASN B 65 5.43 -16.07 12.10
N LYS B 66 4.37 -16.43 11.38
CA LYS B 66 3.22 -15.54 11.20
C LYS B 66 2.38 -15.45 12.47
N ASP B 67 2.72 -16.24 13.48
CA ASP B 67 2.04 -16.16 14.77
C ASP B 67 2.54 -14.97 15.58
N VAL B 68 3.53 -14.26 15.04
CA VAL B 68 4.05 -13.05 15.67
C VAL B 68 3.62 -11.81 14.89
N THR B 69 3.04 -10.84 15.60
CA THR B 69 2.65 -9.57 15.00
C THR B 69 2.96 -8.43 15.96
N ASP B 70 3.82 -7.52 15.53
CA ASP B 70 4.17 -6.34 16.31
C ASP B 70 4.66 -6.72 17.73
N GLY B 71 5.59 -7.67 17.78
CA GLY B 71 6.24 -8.02 19.04
C GLY B 71 5.41 -8.85 20.00
N ARG B 72 4.32 -9.44 19.51
CA ARG B 72 3.45 -10.27 20.34
C ARG B 72 3.12 -11.61 19.68
N LEU B 73 3.04 -12.65 20.50
CA LEU B 73 2.78 -14.01 20.04
C LEU B 73 1.33 -14.42 20.29
N THR B 74 0.62 -14.73 19.22
CA THR B 74 -0.76 -15.21 19.31
C THR B 74 -0.78 -16.73 19.25
N VAL B 75 -1.51 -17.36 20.16
CA VAL B 75 -1.63 -18.81 20.21
C VAL B 75 -3.10 -19.24 20.24
N VAL B 76 -3.51 -20.00 19.23
CA VAL B 76 -4.86 -20.55 19.17
C VAL B 76 -4.84 -21.96 19.73
N VAL B 77 -5.63 -22.18 20.79
CA VAL B 77 -5.64 -23.46 21.49
C VAL B 77 -6.87 -24.27 21.11
N ASN B 78 -6.66 -25.32 20.32
CA ASN B 78 -7.73 -26.23 19.91
C ASN B 78 -7.46 -27.63 20.42
N ILE B 79 -7.73 -27.85 21.70
CA ILE B 79 -7.44 -29.11 22.37
C ILE B 79 -8.73 -29.86 22.73
N ASN B 80 -8.69 -31.18 22.54
CA ASN B 80 -9.83 -32.06 22.81
C ASN B 80 -10.37 -31.91 24.24
N THR B 81 -11.69 -31.84 24.36
CA THR B 81 -12.38 -31.67 25.64
C THR B 81 -12.08 -30.32 26.32
N VAL B 82 -11.44 -29.42 25.59
CA VAL B 82 -11.15 -28.08 26.10
C VAL B 82 -11.77 -27.04 25.17
N GLN B 83 -12.67 -26.23 25.71
CA GLN B 83 -13.28 -25.16 24.93
C GLN B 83 -12.19 -24.28 24.33
N PRO B 84 -12.19 -24.11 23.00
CA PRO B 84 -11.09 -23.39 22.34
C PRO B 84 -10.98 -21.93 22.78
N PHE B 85 -9.75 -21.43 22.88
CA PHE B 85 -9.50 -20.05 23.24
C PHE B 85 -8.20 -19.56 22.61
N THR B 86 -8.00 -18.25 22.68
CA THR B 86 -6.80 -17.63 22.13
C THR B 86 -6.04 -16.91 23.24
N ARG B 87 -4.71 -16.92 23.14
CA ARG B 87 -3.86 -16.20 24.08
C ARG B 87 -2.83 -15.37 23.33
N ARG B 88 -2.75 -14.09 23.69
CA ARG B 88 -1.74 -13.20 23.14
C ARG B 88 -0.72 -12.85 24.23
N THR B 89 0.56 -13.05 23.93
CA THR B 89 1.62 -12.82 24.90
C THR B 89 2.75 -11.97 24.29
N PRO B 90 3.28 -11.01 25.06
CA PRO B 90 4.41 -10.24 24.54
C PRO B 90 5.68 -11.08 24.48
N LEU B 91 6.46 -10.93 23.41
CA LEU B 91 7.69 -11.69 23.28
C LEU B 91 8.78 -11.13 24.19
N ARG B 92 8.67 -9.84 24.53
CA ARG B 92 9.62 -9.17 25.40
C ARG B 92 8.90 -8.45 26.54
N VAL B 93 9.42 -8.60 27.75
CA VAL B 93 8.92 -7.88 28.91
C VAL B 93 10.07 -7.24 29.69
N LYS B 94 9.80 -6.10 30.30
CA LYS B 94 10.82 -5.38 31.06
C LYS B 94 10.78 -5.81 32.52
N ARG B 95 11.80 -6.55 32.93
CA ARG B 95 11.88 -7.12 34.27
C ARG B 95 12.66 -6.19 35.20
N GLU B 96 12.01 -5.76 36.28
CA GLU B 96 12.63 -4.88 37.25
C GLU B 96 12.53 -5.43 38.67
N LYS B 97 13.68 -5.59 39.32
CA LYS B 97 13.75 -6.12 40.68
C LYS B 97 14.46 -5.13 41.61
N TRP B 98 13.86 -4.89 42.76
CA TRP B 98 14.39 -3.94 43.74
C TRP B 98 15.12 -4.66 44.88
N TYR B 99 16.19 -4.03 45.37
CA TYR B 99 16.81 -4.46 46.62
C TYR B 99 16.42 -3.49 47.74
N THR B 100 15.81 -4.04 48.79
CA THR B 100 15.48 -3.28 49.98
C THR B 100 16.20 -3.85 51.18
N CYS B 101 16.77 -2.97 52.00
CA CYS B 101 17.53 -3.40 53.17
C CYS B 101 16.61 -3.87 54.29
N SER B 102 16.79 -5.11 54.71
CA SER B 102 16.08 -5.66 55.87
C SER B 102 17.10 -6.16 56.88
N SER B 103 16.67 -6.23 58.14
CA SER B 103 17.56 -6.50 59.26
C SER B 103 18.43 -7.74 59.10
N SER B 104 17.92 -8.74 58.38
CA SER B 104 18.63 -10.01 58.21
C SER B 104 19.94 -9.85 57.47
N GLN B 105 19.94 -9.03 56.43
CA GLN B 105 21.13 -8.76 55.65
C GLN B 105 21.73 -7.41 56.03
N CYS B 106 21.16 -6.81 57.06
CA CYS B 106 21.64 -5.54 57.59
C CYS B 106 22.69 -5.77 58.66
N SER B 107 23.86 -5.16 58.49
CA SER B 107 24.94 -5.26 59.45
C SER B 107 25.85 -4.04 59.31
N GLY B 108 27.02 -4.09 59.95
CA GLY B 108 28.01 -3.04 59.79
C GLY B 108 28.53 -2.48 61.10
N SER B 109 29.59 -1.70 60.99
CA SER B 109 30.31 -1.19 62.15
C SER B 109 29.75 0.13 62.67
N SER B 110 29.09 0.88 61.79
CA SER B 110 28.73 2.27 62.07
C SER B 110 27.65 2.46 63.14
N SER B 111 27.12 1.36 63.66
CA SER B 111 25.99 1.37 64.63
C SER B 111 24.68 1.79 63.96
N LYS B 112 24.78 2.28 62.72
CA LYS B 112 23.64 2.37 61.84
C LYS B 112 23.69 1.15 60.93
N CYS B 113 22.71 0.27 61.10
CA CYS B 113 22.63 -0.97 60.33
C CYS B 113 22.81 -0.70 58.84
N ASP B 114 23.48 -1.60 58.13
CA ASP B 114 23.82 -1.38 56.74
C ASP B 114 23.72 -2.65 55.90
N CYS B 115 23.02 -2.55 54.77
CA CYS B 115 22.87 -3.67 53.85
C CYS B 115 23.71 -3.47 52.59
N HIS B 116 24.78 -2.68 52.70
CA HIS B 116 25.56 -2.29 51.54
C HIS B 116 26.33 -3.48 50.94
N ARG B 117 26.72 -4.43 51.77
CA ARG B 117 27.52 -5.56 51.30
C ARG B 117 26.69 -6.46 50.40
N LYS B 118 25.45 -6.73 50.80
CA LYS B 118 24.54 -7.54 49.99
C LYS B 118 24.00 -6.72 48.82
N HIS B 119 23.82 -5.42 49.05
CA HIS B 119 23.34 -4.53 48.01
C HIS B 119 24.31 -4.47 46.83
N ASP B 120 25.60 -4.42 47.12
CA ASP B 120 26.62 -4.35 46.08
C ASP B 120 26.68 -5.66 45.31
N GLU B 121 26.41 -6.77 45.99
CA GLU B 121 26.36 -8.07 45.33
C GLU B 121 25.18 -8.13 44.38
N PHE B 122 24.05 -7.60 44.83
CA PHE B 122 22.85 -7.52 43.99
C PHE B 122 23.12 -6.68 42.76
N ARG B 123 23.94 -5.65 42.93
CA ARG B 123 24.35 -4.77 41.84
C ARG B 123 25.25 -5.53 40.85
N ASN B 124 26.24 -6.24 41.37
CA ASN B 124 27.20 -6.94 40.54
C ASN B 124 26.56 -8.08 39.76
N LYS B 125 25.56 -8.71 40.37
CA LYS B 125 24.82 -9.78 39.70
C LYS B 125 24.01 -9.22 38.54
N CYS B 126 23.54 -7.98 38.68
CA CYS B 126 22.72 -7.35 37.66
C CYS B 126 23.55 -7.00 36.43
N ILE B 127 24.73 -6.43 36.64
CA ILE B 127 25.60 -6.05 35.53
C ILE B 127 26.19 -7.28 34.85
N SER B 128 26.44 -8.33 35.63
CA SER B 128 26.94 -9.59 35.09
C SER B 128 25.84 -10.26 34.27
N GLU B 129 24.59 -10.00 34.66
CA GLU B 129 23.43 -10.50 33.93
C GLU B 129 23.22 -9.72 32.63
N GLY B 130 23.88 -8.58 32.52
CA GLY B 130 23.71 -7.71 31.37
C GLY B 130 22.66 -6.64 31.62
N GLY B 131 21.97 -6.74 32.75
CA GLY B 131 20.96 -5.76 33.11
C GLY B 131 21.56 -4.42 33.50
N ARG B 132 20.73 -3.39 33.51
CA ARG B 132 21.16 -2.05 33.88
C ARG B 132 20.68 -1.69 35.28
N TYR B 133 21.63 -1.44 36.17
CA TYR B 133 21.30 -1.13 37.56
C TYR B 133 21.08 0.37 37.79
N THR B 134 20.11 0.68 38.62
CA THR B 134 19.81 2.04 39.06
C THR B 134 19.84 2.14 40.58
N THR B 135 20.68 3.02 41.10
CA THR B 135 20.86 3.15 42.53
C THR B 135 20.10 4.31 43.11
N GLU B 136 19.38 4.04 44.19
CA GLU B 136 18.62 5.07 44.85
C GLU B 136 19.40 5.61 46.04
N SER B 137 19.93 4.72 46.87
CA SER B 137 20.74 5.15 47.99
C SER B 137 21.96 4.26 48.18
N SER B 138 23.15 4.83 48.16
CA SER B 138 24.37 4.06 48.37
C SER B 138 24.45 3.50 49.79
N LYS B 139 23.93 4.27 50.75
CA LYS B 139 23.95 3.87 52.15
C LYS B 139 23.34 2.49 52.35
N CYS B 140 22.07 2.36 51.97
CA CYS B 140 21.35 1.10 52.09
C CYS B 140 21.21 0.70 53.55
N ARG B 141 20.79 1.64 54.39
CA ARG B 141 20.52 1.37 55.79
C ARG B 141 19.11 0.79 55.92
N LEU B 142 18.74 0.36 57.11
CA LEU B 142 17.49 -0.38 57.31
C LEU B 142 16.28 0.36 56.77
N GLY B 143 15.42 -0.35 56.05
CA GLY B 143 14.18 0.19 55.53
C GLY B 143 14.30 0.86 54.18
N GLU B 144 15.53 1.13 53.75
CA GLU B 144 15.77 1.80 52.47
C GLU B 144 15.79 0.82 51.30
N LYS B 145 15.10 1.17 50.23
CA LYS B 145 15.32 0.51 48.96
C LYS B 145 16.51 1.21 48.31
N CYS B 146 17.55 0.43 48.02
CA CYS B 146 18.84 0.99 47.67
C CYS B 146 19.01 1.19 46.18
N GLY B 147 18.24 0.45 45.40
CA GLY B 147 18.29 0.54 43.95
C GLY B 147 17.49 -0.57 43.31
N TYR B 148 17.57 -0.65 41.98
CA TYR B 148 16.86 -1.70 41.24
C TYR B 148 17.57 -2.08 39.95
N CYS B 149 17.35 -3.31 39.51
CA CYS B 149 17.88 -3.81 38.26
C CYS B 149 16.83 -3.67 37.17
N LYS B 150 17.25 -3.22 35.99
CA LYS B 150 16.36 -3.12 34.83
C LYS B 150 16.85 -4.07 33.76
N GLN B 151 15.98 -4.96 33.30
CA GLN B 151 16.39 -6.08 32.46
C GLN B 151 15.36 -6.44 31.39
N ASN B 152 15.85 -6.75 30.19
CA ASN B 152 15.02 -7.28 29.12
C ASN B 152 15.08 -8.80 29.08
N VAL B 153 13.93 -9.43 29.24
CA VAL B 153 13.83 -10.89 29.17
C VAL B 153 12.80 -11.27 28.12
N TYR B 154 12.98 -12.44 27.52
CA TYR B 154 12.21 -12.82 26.34
C TYR B 154 11.53 -14.18 26.50
N LEU B 155 10.33 -14.28 25.95
CA LEU B 155 9.49 -15.46 26.09
C LEU B 155 10.16 -16.73 25.57
N ALA B 156 10.19 -17.75 26.40
CA ALA B 156 10.77 -19.05 26.03
C ALA B 156 9.74 -20.15 26.22
N THR B 157 8.89 -20.00 27.24
CA THR B 157 7.87 -20.99 27.54
C THR B 157 6.55 -20.32 27.91
N LEU B 158 5.46 -20.79 27.31
CA LEU B 158 4.13 -20.27 27.58
C LEU B 158 3.32 -21.28 28.37
N TYR B 159 2.88 -20.88 29.56
CA TYR B 159 2.11 -21.76 30.44
C TYR B 159 0.63 -21.37 30.40
N LEU B 160 -0.21 -22.32 30.02
CA LEU B 160 -1.65 -22.11 29.95
C LEU B 160 -2.37 -23.09 30.87
N VAL B 161 -3.53 -22.67 31.37
CA VAL B 161 -4.28 -23.48 32.33
C VAL B 161 -5.78 -23.49 32.00
N ALA B 162 -6.38 -24.68 32.08
CA ALA B 162 -7.81 -24.83 31.89
C ALA B 162 -8.40 -25.59 33.09
N GLY B 163 -9.56 -25.13 33.56
CA GLY B 163 -10.23 -25.76 34.67
C GLY B 163 -11.43 -26.56 34.21
N SER B 164 -11.79 -27.59 34.96
CA SER B 164 -12.94 -28.42 34.63
C SER B 164 -14.23 -27.61 34.77
N VAL B 165 -15.07 -27.69 33.74
CA VAL B 165 -16.35 -27.01 33.72
C VAL B 165 -17.46 -28.00 34.08
N GLY B 166 -17.09 -29.28 34.15
CA GLY B 166 -18.05 -30.34 34.35
C GLY B 166 -18.51 -30.87 33.00
N GLY B 167 -19.01 -32.10 32.97
CA GLY B 167 -19.44 -32.71 31.73
C GLY B 167 -18.27 -33.20 30.91
N GLY B 168 -17.13 -33.41 31.56
CA GLY B 168 -15.93 -33.88 30.88
C GLY B 168 -15.36 -32.84 29.95
N MET B 169 -15.66 -31.57 30.23
CA MET B 169 -15.18 -30.46 29.42
C MET B 169 -14.31 -29.53 30.25
N TYR B 170 -13.57 -28.65 29.58
CA TYR B 170 -12.72 -27.69 30.25
C TYR B 170 -12.83 -26.31 29.58
N ARG B 171 -12.32 -25.31 30.28
CA ARG B 171 -12.36 -23.92 29.84
C ARG B 171 -11.14 -23.23 30.43
N GLU B 172 -10.56 -22.28 29.70
CA GLU B 172 -9.35 -21.63 30.20
C GLU B 172 -9.65 -20.96 31.53
N SER B 173 -8.77 -21.16 32.50
CA SER B 173 -9.00 -20.69 33.86
C SER B 173 -8.95 -19.16 33.94
N ASP B 174 -9.95 -18.57 34.57
CA ASP B 174 -10.05 -17.12 34.70
C ASP B 174 -8.98 -16.59 35.67
N LYS B 175 -8.83 -17.25 36.81
CA LYS B 175 -7.92 -16.77 37.85
C LYS B 175 -6.49 -17.26 37.61
N TYR B 176 -6.35 -18.46 37.06
CA TYR B 176 -5.04 -18.98 36.68
C TYR B 176 -4.74 -18.70 35.21
N GLN B 177 -4.13 -17.56 34.94
CA GLN B 177 -3.74 -17.22 33.57
C GLN B 177 -2.37 -17.83 33.23
N SER B 178 -1.75 -18.45 34.21
CA SER B 178 -0.47 -19.13 34.00
C SER B 178 -0.29 -20.24 35.05
N ALA B 179 0.64 -21.16 34.76
CA ALA B 179 0.94 -22.24 35.69
C ALA B 179 1.94 -21.79 36.75
N LEU B 180 2.73 -20.77 36.42
CA LEU B 180 3.74 -20.26 37.33
C LEU B 180 3.16 -19.19 38.27
N TYR B 181 3.59 -19.22 39.52
CA TYR B 181 3.20 -18.20 40.50
C TYR B 181 3.73 -16.84 40.06
N PRO B 182 2.96 -15.76 40.28
CA PRO B 182 1.62 -15.63 40.86
C PRO B 182 0.45 -15.80 39.87
N PHE B 183 0.71 -16.48 38.76
CA PHE B 183 -0.34 -16.96 37.85
C PHE B 183 -1.07 -15.88 37.05
N TYR B 184 -0.42 -14.75 36.79
CA TYR B 184 -0.99 -13.73 35.91
C TYR B 184 -0.64 -14.06 34.46
N ASP B 185 -1.19 -13.28 33.54
CA ASP B 185 -0.85 -13.41 32.11
C ASP B 185 0.65 -13.32 31.91
N ILE B 186 1.29 -12.42 32.66
CA ILE B 186 2.69 -12.08 32.44
C ILE B 186 3.64 -13.02 33.19
N SER B 187 3.08 -13.86 34.07
CA SER B 187 3.89 -14.78 34.85
C SER B 187 4.36 -15.97 34.01
N GLN B 188 5.13 -15.68 32.96
CA GLN B 188 5.56 -16.71 32.01
C GLN B 188 7.06 -16.97 32.08
N GLY B 189 7.48 -18.03 31.39
CA GLY B 189 8.88 -18.41 31.37
C GLY B 189 9.69 -17.52 30.45
N TYR B 190 10.30 -16.49 31.02
CA TYR B 190 11.13 -15.56 30.27
C TYR B 190 12.62 -15.84 30.50
N GLU B 191 13.46 -15.41 29.58
CA GLU B 191 14.90 -15.65 29.68
C GLU B 191 15.73 -14.51 29.10
N PRO B 192 16.99 -14.37 29.54
CA PRO B 192 17.87 -13.29 29.08
C PRO B 192 18.10 -13.32 27.57
N ARG B 193 18.31 -14.51 27.03
CA ARG B 193 18.51 -14.67 25.59
C ARG B 193 17.23 -15.20 24.95
N GLN B 194 16.77 -14.54 23.89
CA GLN B 194 15.52 -14.92 23.25
C GLN B 194 15.71 -16.16 22.39
N PRO B 195 14.82 -17.18 22.57
CA PRO B 195 14.85 -18.33 21.66
C PRO B 195 14.13 -18.03 20.34
N SER B 196 14.41 -18.83 19.30
CA SER B 196 13.76 -18.69 18.00
C SER B 196 12.44 -19.45 17.96
N SER B 197 12.14 -20.17 19.05
CA SER B 197 10.89 -20.91 19.18
C SER B 197 10.40 -20.89 20.61
N VAL B 198 9.07 -20.96 20.78
CA VAL B 198 8.47 -20.95 22.12
C VAL B 198 7.80 -22.28 22.40
N ASN B 199 8.04 -22.80 23.61
CA ASN B 199 7.42 -24.04 24.04
C ASN B 199 6.12 -23.75 24.80
N VAL B 200 5.01 -24.30 24.31
CA VAL B 200 3.72 -24.08 24.94
C VAL B 200 3.34 -25.29 25.79
N ARG B 201 2.74 -25.03 26.95
CA ARG B 201 2.30 -26.10 27.84
C ARG B 201 0.94 -25.75 28.43
N LEU B 202 0.00 -26.68 28.30
CA LEU B 202 -1.35 -26.51 28.83
C LEU B 202 -1.60 -27.47 29.99
N TYR B 203 -1.83 -26.91 31.17
CA TYR B 203 -2.09 -27.70 32.37
C TYR B 203 -3.54 -27.68 32.78
N SER B 204 -3.93 -28.64 33.61
CA SER B 204 -5.22 -28.58 34.30
C SER B 204 -5.02 -27.81 35.61
N GLU B 205 -6.09 -27.20 36.11
CA GLU B 205 -5.99 -26.38 37.31
C GLU B 205 -5.50 -27.18 38.52
N GLY B 206 -5.96 -28.41 38.64
CA GLY B 206 -5.66 -29.24 39.81
C GLY B 206 -4.35 -29.99 39.70
N ASP B 207 -3.53 -29.64 38.71
CA ASP B 207 -2.27 -30.33 38.50
C ASP B 207 -1.29 -30.01 39.64
N PRO B 208 -0.58 -31.03 40.14
CA PRO B 208 0.37 -30.81 41.25
C PRO B 208 1.44 -29.76 40.95
N PHE B 209 1.76 -29.56 39.68
CA PHE B 209 2.75 -28.54 39.29
C PHE B 209 2.30 -27.17 39.77
N ILE B 210 1.01 -26.89 39.63
CA ILE B 210 0.44 -25.62 40.07
C ILE B 210 0.36 -25.59 41.60
N ALA B 211 0.10 -26.74 42.19
CA ALA B 211 0.02 -26.85 43.65
C ALA B 211 1.37 -26.54 44.29
N PHE B 212 2.44 -27.04 43.67
CA PHE B 212 3.79 -26.78 44.17
C PHE B 212 4.16 -25.31 43.95
N GLN B 213 3.74 -24.75 42.83
CA GLN B 213 3.96 -23.34 42.55
C GLN B 213 3.23 -22.47 43.58
N GLN B 214 2.10 -22.96 44.05
CA GLN B 214 1.32 -22.28 45.08
C GLN B 214 2.05 -22.38 46.42
N LEU B 215 2.65 -23.54 46.67
CA LEU B 215 3.42 -23.76 47.89
C LEU B 215 4.63 -22.83 47.94
N THR B 216 5.37 -22.78 46.84
CA THR B 216 6.57 -21.96 46.75
C THR B 216 6.35 -20.75 45.85
N ARG C 11 -12.07 -17.66 -22.28
CA ARG C 11 -13.51 -17.85 -22.18
C ARG C 11 -13.89 -19.22 -22.69
N ASP C 12 -12.97 -19.81 -23.44
CA ASP C 12 -13.18 -21.13 -23.99
C ASP C 12 -12.66 -22.07 -22.93
N ASP C 13 -11.49 -21.71 -22.42
CA ASP C 13 -10.80 -22.46 -21.37
C ASP C 13 -11.76 -22.68 -20.18
N PHE C 14 -12.62 -21.70 -19.94
CA PHE C 14 -13.64 -21.79 -18.90
C PHE C 14 -14.43 -23.09 -19.06
N LYS C 15 -14.80 -23.40 -20.31
CA LYS C 15 -15.56 -24.62 -20.59
C LYS C 15 -14.79 -25.85 -20.16
N GLU C 16 -13.47 -25.80 -20.36
CA GLU C 16 -12.61 -26.92 -19.98
C GLU C 16 -12.50 -27.02 -18.47
N ALA C 17 -12.56 -25.87 -17.80
CA ALA C 17 -12.41 -25.80 -16.35
C ALA C 17 -13.47 -26.64 -15.63
N VAL C 18 -14.73 -26.42 -15.97
CA VAL C 18 -15.82 -27.18 -15.37
C VAL C 18 -15.78 -28.63 -15.84
N ASN C 22 -16.19 -30.98 -8.71
CA ASN C 22 -15.90 -32.22 -7.98
C ASN C 22 -15.97 -32.00 -6.48
N PRO C 23 -17.17 -32.13 -5.89
CA PRO C 23 -17.31 -31.82 -4.46
C PRO C 23 -16.84 -32.91 -3.49
N ASN C 24 -16.42 -34.07 -3.98
CA ASN C 24 -16.08 -35.18 -3.07
C ASN C 24 -14.94 -34.84 -2.10
N PRO C 25 -13.83 -34.27 -2.60
CA PRO C 25 -12.75 -33.96 -1.67
C PRO C 25 -13.07 -32.76 -0.77
N ILE C 26 -13.66 -31.74 -1.36
CA ILE C 26 -13.97 -30.51 -0.64
C ILE C 26 -15.08 -30.73 0.40
N GLU C 27 -15.98 -31.66 0.15
CA GLU C 27 -17.06 -31.95 1.09
C GLU C 27 -16.50 -32.44 2.42
N LYS C 28 -15.28 -32.96 2.38
CA LYS C 28 -14.61 -33.43 3.59
C LYS C 28 -13.89 -32.30 4.33
N TRP C 29 -13.82 -31.12 3.72
CA TRP C 29 -13.13 -30.00 4.34
C TRP C 29 -13.88 -29.48 5.57
N THR C 30 -13.63 -30.12 6.70
CA THR C 30 -14.17 -29.68 7.98
C THR C 30 -13.03 -29.32 8.91
N GLY C 31 -13.25 -28.38 9.81
CA GLY C 31 -12.22 -27.96 10.74
C GLY C 31 -12.54 -26.65 11.43
N ARG C 32 -11.48 -25.90 11.75
CA ARG C 32 -11.63 -24.64 12.46
C ARG C 32 -10.78 -23.52 11.85
N PHE C 33 -11.37 -22.33 11.79
CA PHE C 33 -10.63 -21.11 11.51
C PHE C 33 -10.38 -20.42 12.85
N ASN C 34 -9.13 -20.47 13.32
CA ASN C 34 -8.80 -20.09 14.69
C ASN C 34 -9.64 -20.90 15.68
N THR C 35 -10.57 -20.24 16.35
CA THR C 35 -11.41 -20.86 17.37
C THR C 35 -12.70 -21.42 16.78
N GLU C 36 -13.21 -20.76 15.76
CA GLU C 36 -14.54 -21.04 15.22
C GLU C 36 -14.55 -22.27 14.33
N ASN C 37 -15.61 -23.08 14.45
CA ASN C 37 -15.77 -24.26 13.61
C ASN C 37 -16.18 -23.90 12.19
N ALA C 38 -15.65 -24.64 11.22
CA ALA C 38 -15.86 -24.35 9.81
C ALA C 38 -17.00 -25.18 9.24
N SER C 39 -17.83 -24.53 8.42
CA SER C 39 -18.91 -25.20 7.72
C SER C 39 -18.56 -25.32 6.24
N VAL C 40 -18.84 -26.48 5.66
CA VAL C 40 -18.55 -26.74 4.25
C VAL C 40 -19.81 -26.52 3.40
N ARG C 41 -19.66 -25.72 2.35
CA ARG C 41 -20.78 -25.37 1.49
C ARG C 41 -20.43 -25.60 0.02
N VAL C 56 -18.25 -24.42 -4.57
CA VAL C 56 -18.23 -25.06 -3.26
C VAL C 56 -17.06 -24.52 -2.44
N TYR C 57 -17.32 -24.23 -1.17
CA TYR C 57 -16.29 -23.68 -0.27
C TYR C 57 -16.69 -23.84 1.18
N THR C 58 -15.70 -23.93 2.06
CA THR C 58 -15.96 -24.01 3.50
C THR C 58 -15.67 -22.67 4.16
N GLU C 59 -16.50 -22.28 5.12
CA GLU C 59 -16.40 -20.95 5.72
C GLU C 59 -16.70 -20.92 7.21
N ALA C 60 -16.37 -19.80 7.83
CA ALA C 60 -16.69 -19.52 9.23
C ALA C 60 -16.71 -18.01 9.46
N THR C 61 -17.39 -17.60 10.52
CA THR C 61 -17.44 -16.18 10.90
C THR C 61 -16.49 -15.92 12.06
N LEU C 62 -15.48 -15.10 11.84
CA LEU C 62 -14.45 -14.82 12.85
C LEU C 62 -14.76 -13.56 13.64
N PRO C 63 -14.84 -13.68 14.99
CA PRO C 63 -14.93 -12.46 15.79
C PRO C 63 -13.61 -11.72 15.83
N LEU C 64 -13.64 -10.39 15.96
CA LEU C 64 -12.42 -9.60 16.04
C LEU C 64 -12.00 -9.44 17.50
N ASN C 65 -11.56 -10.55 18.09
CA ASN C 65 -11.15 -10.57 19.49
C ASN C 65 -9.62 -10.51 19.62
N LYS C 66 -9.00 -11.61 20.04
CA LYS C 66 -7.55 -11.65 20.23
C LYS C 66 -6.82 -11.97 18.94
N ASP C 67 -7.57 -12.34 17.90
CA ASP C 67 -6.96 -12.64 16.59
C ASP C 67 -6.57 -11.36 15.85
N VAL C 68 -6.83 -10.21 16.47
CA VAL C 68 -6.45 -8.92 15.90
C VAL C 68 -5.33 -8.29 16.73
N THR C 69 -4.25 -7.91 16.05
CA THR C 69 -3.11 -7.27 16.70
C THR C 69 -2.48 -6.21 15.80
N ASP C 70 -2.45 -4.97 16.28
CA ASP C 70 -1.82 -3.86 15.57
C ASP C 70 -2.40 -3.71 14.16
N GLY C 71 -3.70 -3.88 14.04
CA GLY C 71 -4.39 -3.64 12.77
C GLY C 71 -4.35 -4.80 11.78
N ARG C 72 -3.88 -5.96 12.22
CA ARG C 72 -3.84 -7.13 11.35
C ARG C 72 -4.57 -8.33 11.95
N LEU C 73 -5.35 -9.00 11.11
CA LEU C 73 -6.08 -10.19 11.51
C LEU C 73 -5.25 -11.44 11.23
N THR C 74 -5.07 -12.27 12.26
CA THR C 74 -4.36 -13.53 12.11
C THR C 74 -5.36 -14.68 12.12
N VAL C 75 -5.26 -15.58 11.13
CA VAL C 75 -6.16 -16.71 11.00
C VAL C 75 -5.39 -18.00 10.84
N VAL C 76 -5.61 -18.94 11.76
CA VAL C 76 -4.99 -20.26 11.67
C VAL C 76 -5.97 -21.24 11.04
N VAL C 77 -5.59 -21.79 9.90
CA VAL C 77 -6.45 -22.71 9.16
C VAL C 77 -6.12 -24.16 9.51
N ASN C 78 -7.06 -24.82 10.18
CA ASN C 78 -6.94 -26.23 10.52
C ASN C 78 -8.09 -27.04 9.94
N ILE C 79 -8.10 -27.19 8.63
CA ILE C 79 -9.15 -27.91 7.92
C ILE C 79 -8.67 -29.31 7.54
N ASN C 80 -9.55 -30.29 7.68
CA ASN C 80 -9.23 -31.67 7.34
C ASN C 80 -8.76 -31.80 5.89
N THR C 81 -7.76 -32.65 5.68
CA THR C 81 -7.15 -32.87 4.36
C THR C 81 -6.37 -31.67 3.85
N VAL C 82 -6.35 -30.58 4.61
CA VAL C 82 -5.61 -29.38 4.23
C VAL C 82 -4.41 -29.18 5.14
N GLN C 83 -3.24 -28.99 4.54
CA GLN C 83 -2.02 -28.70 5.29
C GLN C 83 -2.23 -27.40 6.07
N PRO C 84 -2.08 -27.44 7.41
CA PRO C 84 -2.42 -26.23 8.16
C PRO C 84 -1.45 -25.08 7.88
N PHE C 85 -1.98 -23.86 7.86
CA PHE C 85 -1.17 -22.68 7.62
C PHE C 85 -1.80 -21.47 8.29
N THR C 86 -1.09 -20.34 8.22
CA THR C 86 -1.56 -19.11 8.85
C THR C 86 -1.55 -17.96 7.85
N ARG C 87 -2.60 -17.15 7.89
CA ARG C 87 -2.73 -15.97 7.05
C ARG C 87 -2.89 -14.73 7.90
N ARG C 88 -2.15 -13.68 7.56
CA ARG C 88 -2.25 -12.40 8.25
C ARG C 88 -2.66 -11.32 7.24
N THR C 89 -3.68 -10.53 7.60
CA THR C 89 -4.22 -9.54 6.67
C THR C 89 -4.51 -8.20 7.37
N PRO C 90 -4.14 -7.08 6.73
CA PRO C 90 -4.55 -5.77 7.27
C PRO C 90 -6.07 -5.61 7.24
N LEU C 91 -6.65 -5.22 8.38
CA LEU C 91 -8.09 -5.03 8.47
C LEU C 91 -8.55 -3.84 7.62
N ARG C 92 -7.73 -2.79 7.63
CA ARG C 92 -8.03 -1.55 6.90
C ARG C 92 -7.04 -1.34 5.75
N VAL C 93 -7.56 -0.91 4.60
CA VAL C 93 -6.72 -0.57 3.47
C VAL C 93 -7.27 0.67 2.76
N LYS C 94 -6.36 1.45 2.18
CA LYS C 94 -6.75 2.56 1.32
C LYS C 94 -6.84 2.08 -0.12
N ARG C 95 -8.06 2.08 -0.67
CA ARG C 95 -8.29 1.62 -2.02
C ARG C 95 -8.68 2.76 -2.95
N GLU C 96 -8.38 2.58 -4.23
CA GLU C 96 -8.87 3.46 -5.28
C GLU C 96 -9.88 2.69 -6.12
N LYS C 97 -11.06 3.28 -6.33
CA LYS C 97 -12.06 2.68 -7.20
C LYS C 97 -12.52 3.66 -8.26
N TRP C 98 -12.20 3.33 -9.51
CA TRP C 98 -12.57 4.15 -10.65
C TRP C 98 -14.01 3.90 -11.05
N TYR C 99 -14.66 4.91 -11.60
CA TYR C 99 -15.94 4.74 -12.26
C TYR C 99 -15.75 4.73 -13.76
N THR C 100 -16.32 3.74 -14.42
CA THR C 100 -16.29 3.65 -15.88
C THR C 100 -17.68 3.93 -16.42
N CYS C 101 -17.80 4.99 -17.21
CA CYS C 101 -19.08 5.38 -17.79
C CYS C 101 -19.59 4.29 -18.72
N SER C 102 -20.80 3.81 -18.45
CA SER C 102 -21.42 2.79 -19.29
C SER C 102 -22.93 2.73 -19.08
N SER C 103 -23.64 2.36 -20.14
CA SER C 103 -25.09 2.15 -20.10
C SER C 103 -25.40 0.74 -20.60
N SER C 104 -26.16 -0.03 -19.82
CA SER C 104 -26.44 -1.42 -20.16
C SER C 104 -27.32 -1.52 -21.39
N GLN C 105 -28.17 -0.51 -21.62
CA GLN C 105 -29.05 -0.48 -22.78
C GLN C 105 -28.99 0.88 -23.47
N CYS C 106 -28.31 0.90 -24.61
CA CYS C 106 -28.27 2.08 -25.46
C CYS C 106 -28.31 1.73 -26.95
N CYS C 113 -27.76 6.75 -24.52
CA CYS C 113 -26.34 6.66 -24.21
C CYS C 113 -25.96 7.74 -23.22
N ASP C 114 -26.13 7.43 -21.94
CA ASP C 114 -25.77 8.35 -20.89
C ASP C 114 -25.54 7.60 -19.59
N CYS C 115 -24.58 8.07 -18.80
CA CYS C 115 -24.21 7.43 -17.54
C CYS C 115 -24.73 8.19 -16.33
N HIS C 116 -25.59 9.19 -16.57
CA HIS C 116 -25.95 10.18 -15.57
C HIS C 116 -26.56 9.57 -14.30
N ARG C 117 -27.41 8.55 -14.45
CA ARG C 117 -28.01 7.90 -13.29
C ARG C 117 -26.94 7.16 -12.49
N LYS C 118 -26.13 6.36 -13.17
CA LYS C 118 -25.11 5.55 -12.52
C LYS C 118 -23.88 6.37 -12.13
N HIS C 119 -23.56 7.37 -12.94
CA HIS C 119 -22.42 8.23 -12.66
C HIS C 119 -22.65 9.06 -11.41
N ASP C 120 -23.78 9.77 -11.37
CA ASP C 120 -24.15 10.60 -10.23
C ASP C 120 -24.26 9.77 -8.96
N GLU C 121 -24.81 8.56 -9.10
CA GLU C 121 -25.00 7.66 -7.97
C GLU C 121 -23.67 7.25 -7.36
N PHE C 122 -22.70 6.92 -8.22
CA PHE C 122 -21.38 6.48 -7.76
C PHE C 122 -20.70 7.56 -6.93
N ARG C 123 -20.67 8.79 -7.43
CA ARG C 123 -19.94 9.86 -6.76
C ARG C 123 -20.73 10.43 -5.58
N ASN C 124 -22.06 10.32 -5.63
CA ASN C 124 -22.88 10.69 -4.48
C ASN C 124 -22.70 9.70 -3.35
N LYS C 125 -22.53 8.43 -3.70
CA LYS C 125 -22.35 7.37 -2.72
C LYS C 125 -20.99 7.51 -2.01
N CYS C 126 -19.98 7.92 -2.76
CA CYS C 126 -18.63 8.06 -2.24
C CYS C 126 -18.58 9.07 -1.11
N ILE C 127 -19.13 10.26 -1.37
CA ILE C 127 -19.16 11.33 -0.37
C ILE C 127 -20.14 10.98 0.75
N SER C 128 -21.20 10.25 0.40
CA SER C 128 -22.18 9.81 1.38
C SER C 128 -21.57 8.77 2.34
N GLU C 129 -20.44 8.20 1.95
CA GLU C 129 -19.76 7.19 2.75
C GLU C 129 -18.46 7.74 3.36
N GLY C 130 -18.30 9.05 3.30
CA GLY C 130 -17.14 9.70 3.87
C GLY C 130 -15.90 9.61 2.99
N GLY C 131 -16.05 8.96 1.85
CA GLY C 131 -14.95 8.84 0.90
C GLY C 131 -14.82 10.07 0.04
N ARG C 132 -13.65 10.26 -0.56
CA ARG C 132 -13.37 11.42 -1.39
C ARG C 132 -13.39 11.07 -2.87
N TYR C 133 -14.23 11.75 -3.63
CA TYR C 133 -14.35 11.50 -5.07
C TYR C 133 -13.53 12.50 -5.88
N THR C 134 -12.62 11.98 -6.69
CA THR C 134 -11.76 12.78 -7.56
C THR C 134 -12.18 12.63 -9.01
N THR C 135 -12.22 13.74 -9.74
CA THR C 135 -12.56 13.73 -11.16
C THR C 135 -11.30 13.76 -12.02
N GLU C 136 -11.25 12.91 -13.03
CA GLU C 136 -10.10 12.83 -13.94
C GLU C 136 -10.51 13.02 -15.40
N SER C 137 -11.73 13.51 -15.63
CA SER C 137 -12.15 13.87 -16.98
C SER C 137 -13.08 15.08 -16.94
N SER C 138 -13.02 15.89 -17.98
CA SER C 138 -13.84 17.10 -18.08
C SER C 138 -15.33 16.74 -18.04
N LYS C 139 -15.72 15.71 -18.79
CA LYS C 139 -17.09 15.19 -18.72
C LYS C 139 -17.11 13.68 -18.89
N CYS C 140 -18.22 13.07 -18.48
CA CYS C 140 -18.34 11.61 -18.41
C CYS C 140 -18.90 11.03 -19.71
N ARG C 141 -18.03 10.86 -20.71
CA ARG C 141 -18.43 10.21 -21.97
C ARG C 141 -18.43 8.69 -21.83
N LEU C 142 -19.21 8.03 -22.66
CA LEU C 142 -19.39 6.58 -22.57
C LEU C 142 -18.07 5.84 -22.77
N GLY C 143 -17.76 4.94 -21.83
CA GLY C 143 -16.54 4.15 -21.88
C GLY C 143 -15.34 4.84 -21.23
N GLU C 144 -15.56 6.05 -20.72
CA GLU C 144 -14.48 6.86 -20.17
C GLU C 144 -14.23 6.59 -18.68
N LYS C 145 -13.00 6.88 -18.24
CA LYS C 145 -12.67 6.84 -16.82
C LYS C 145 -12.88 8.24 -16.23
N CYS C 146 -14.10 8.47 -15.76
CA CYS C 146 -14.50 9.80 -15.29
C CYS C 146 -13.64 10.25 -14.12
N GLY C 147 -13.44 9.36 -13.17
CA GLY C 147 -12.66 9.65 -11.99
C GLY C 147 -12.64 8.45 -11.06
N TYR C 148 -12.24 8.65 -9.81
CA TYR C 148 -12.17 7.56 -8.85
C TYR C 148 -12.57 8.00 -7.44
N CYS C 149 -12.95 7.02 -6.63
CA CYS C 149 -13.26 7.23 -5.22
C CYS C 149 -12.08 6.78 -4.37
N LYS C 150 -11.63 7.66 -3.48
CA LYS C 150 -10.50 7.38 -2.61
C LYS C 150 -10.98 7.32 -1.15
N GLN C 151 -10.79 6.19 -0.49
CA GLN C 151 -11.41 5.98 0.80
C GLN C 151 -10.76 4.86 1.63
N ASN C 152 -10.83 5.01 2.95
CA ASN C 152 -10.50 3.92 3.87
C ASN C 152 -11.59 2.87 3.85
N VAL C 153 -11.19 1.62 3.59
CA VAL C 153 -12.15 0.52 3.54
C VAL C 153 -11.68 -0.63 4.44
N TYR C 154 -12.66 -1.25 5.11
CA TYR C 154 -12.38 -2.27 6.13
C TYR C 154 -12.71 -3.67 5.62
N LEU C 155 -11.86 -4.62 5.96
CA LEU C 155 -12.03 -6.02 5.52
C LEU C 155 -13.32 -6.62 6.04
N ALA C 156 -14.07 -7.25 5.13
CA ALA C 156 -15.36 -7.86 5.47
C ALA C 156 -15.34 -9.35 5.18
N THR C 157 -14.70 -9.74 4.08
CA THR C 157 -14.60 -11.14 3.68
C THR C 157 -13.19 -11.52 3.28
N LEU C 158 -12.64 -12.53 3.93
CA LEU C 158 -11.31 -13.04 3.62
C LEU C 158 -11.41 -14.30 2.76
N TYR C 159 -10.82 -14.25 1.57
CA TYR C 159 -10.84 -15.37 0.64
C TYR C 159 -9.49 -16.09 0.62
N LEU C 160 -9.50 -17.39 0.91
CA LEU C 160 -8.28 -18.20 0.89
C LEU C 160 -8.43 -19.33 -0.13
N VAL C 161 -7.29 -19.89 -0.56
CA VAL C 161 -7.28 -20.94 -1.57
C VAL C 161 -6.19 -21.96 -1.30
N ALA C 162 -6.49 -23.23 -1.57
CA ALA C 162 -5.52 -24.31 -1.42
C ALA C 162 -5.46 -25.15 -2.70
N GLY C 163 -4.31 -25.77 -2.95
CA GLY C 163 -4.09 -26.54 -4.16
C GLY C 163 -3.96 -28.03 -3.90
N SER C 164 -4.13 -28.81 -4.95
CA SER C 164 -4.04 -30.27 -4.86
C SER C 164 -2.60 -30.73 -4.62
N VAL C 165 -2.46 -31.80 -3.84
CA VAL C 165 -1.16 -32.39 -3.54
C VAL C 165 -1.31 -33.90 -3.57
N GLY C 166 -0.20 -34.61 -3.72
CA GLY C 166 -0.20 -36.07 -3.75
C GLY C 166 -1.05 -36.67 -2.64
N GLY C 167 -1.90 -37.61 -3.00
CA GLY C 167 -2.88 -38.16 -2.07
C GLY C 167 -4.06 -37.24 -1.95
N GLY C 168 -4.77 -37.31 -0.82
CA GLY C 168 -5.91 -36.45 -0.58
C GLY C 168 -5.53 -35.18 0.17
N MET C 169 -4.22 -34.97 0.35
CA MET C 169 -3.74 -33.82 1.09
C MET C 169 -3.63 -32.59 0.19
N TYR C 170 -3.62 -31.41 0.81
CA TYR C 170 -3.59 -30.14 0.09
C TYR C 170 -2.62 -29.17 0.75
N ARG C 171 -2.30 -28.06 0.08
CA ARG C 171 -1.56 -26.97 0.68
C ARG C 171 -2.12 -25.64 0.19
N GLU C 172 -1.87 -24.57 0.95
CA GLU C 172 -2.38 -23.27 0.54
C GLU C 172 -1.69 -22.87 -0.76
N SER C 173 -2.44 -22.22 -1.64
CA SER C 173 -1.92 -21.84 -2.95
C SER C 173 -1.04 -20.60 -2.88
N ASP C 174 0.23 -20.78 -3.19
CA ASP C 174 1.16 -19.67 -3.29
C ASP C 174 0.85 -18.88 -4.56
N LYS C 175 0.30 -19.58 -5.54
CA LYS C 175 -0.06 -18.98 -6.83
C LYS C 175 -1.29 -18.11 -6.66
N TYR C 176 -2.24 -18.60 -5.86
CA TYR C 176 -3.51 -17.92 -5.64
C TYR C 176 -3.64 -17.50 -4.18
N GLN C 177 -3.19 -16.29 -3.87
CA GLN C 177 -3.25 -15.79 -2.49
C GLN C 177 -4.66 -15.31 -2.14
N SER C 178 -5.57 -15.37 -3.11
CA SER C 178 -6.97 -15.03 -2.87
C SER C 178 -7.86 -15.63 -3.95
N ALA C 179 -9.13 -15.84 -3.63
CA ALA C 179 -10.08 -16.35 -4.62
C ALA C 179 -10.43 -15.23 -5.60
N LEU C 180 -10.39 -13.99 -5.12
CA LEU C 180 -10.68 -12.83 -5.96
C LEU C 180 -9.50 -12.47 -6.85
N TYR C 181 -9.82 -12.00 -8.05
CA TYR C 181 -8.83 -11.41 -8.96
C TYR C 181 -8.52 -10.01 -8.45
N PRO C 182 -7.25 -9.56 -8.54
CA PRO C 182 -6.06 -10.16 -9.15
C PRO C 182 -5.29 -11.20 -8.29
N PHE C 183 -5.98 -11.86 -7.35
CA PHE C 183 -5.41 -13.01 -6.62
C PHE C 183 -4.25 -12.66 -5.69
N TYR C 184 -4.04 -11.38 -5.43
CA TYR C 184 -3.07 -10.97 -4.42
C TYR C 184 -3.69 -11.15 -3.04
N ASP C 185 -2.86 -11.37 -2.02
CA ASP C 185 -3.35 -11.60 -0.66
C ASP C 185 -4.13 -10.39 -0.13
N ILE C 186 -3.98 -9.26 -0.80
CA ILE C 186 -4.68 -8.06 -0.43
C ILE C 186 -5.98 -7.93 -1.22
N SER C 187 -6.21 -8.84 -2.16
CA SER C 187 -7.42 -8.78 -2.96
C SER C 187 -8.52 -9.48 -2.19
N GLN C 188 -9.20 -8.70 -1.37
CA GLN C 188 -10.24 -9.20 -0.49
C GLN C 188 -11.46 -8.33 -0.48
N GLY C 189 -12.55 -8.88 0.03
CA GLY C 189 -13.81 -8.16 0.12
C GLY C 189 -13.75 -7.13 1.23
N TYR C 190 -13.91 -5.87 0.85
CA TYR C 190 -13.79 -4.76 1.80
C TYR C 190 -15.09 -3.96 1.88
N GLU C 191 -15.34 -3.36 3.05
CA GLU C 191 -16.58 -2.61 3.30
C GLU C 191 -16.28 -1.19 3.78
N PRO C 192 -17.21 -0.25 3.51
CA PRO C 192 -16.95 1.16 3.82
C PRO C 192 -16.95 1.43 5.32
N ARG C 193 -17.64 0.58 6.08
CA ARG C 193 -17.66 0.69 7.54
C ARG C 193 -17.14 -0.60 8.16
N GLN C 194 -16.44 -0.48 9.27
CA GLN C 194 -15.89 -1.63 9.97
C GLN C 194 -17.00 -2.58 10.41
N PRO C 195 -16.97 -3.83 9.91
CA PRO C 195 -17.99 -4.80 10.34
C PRO C 195 -17.70 -5.38 11.71
N SER C 196 -18.70 -6.02 12.32
CA SER C 196 -18.52 -6.64 13.62
C SER C 196 -17.58 -7.84 13.53
N SER C 197 -17.79 -8.65 12.48
CA SER C 197 -17.00 -9.86 12.27
C SER C 197 -16.54 -9.94 10.81
N VAL C 198 -15.57 -10.82 10.57
CA VAL C 198 -15.06 -11.05 9.23
C VAL C 198 -15.38 -12.47 8.77
N ASN C 199 -16.07 -12.58 7.64
CA ASN C 199 -16.39 -13.87 7.08
C ASN C 199 -15.16 -14.46 6.39
N VAL C 200 -14.86 -15.72 6.70
CA VAL C 200 -13.67 -16.39 6.17
C VAL C 200 -14.10 -17.55 5.28
N ARG C 201 -13.56 -17.61 4.07
CA ARG C 201 -13.92 -18.65 3.11
C ARG C 201 -12.67 -19.33 2.55
N LEU C 202 -12.77 -20.64 2.32
CA LEU C 202 -11.65 -21.41 1.76
C LEU C 202 -12.07 -22.13 0.49
N TYR C 203 -11.33 -21.90 -0.59
CA TYR C 203 -11.66 -22.48 -1.89
C TYR C 203 -10.61 -23.45 -2.38
N SER C 204 -10.94 -24.16 -3.46
CA SER C 204 -9.99 -25.01 -4.15
C SER C 204 -9.24 -24.17 -5.17
N GLU C 205 -8.01 -24.56 -5.50
CA GLU C 205 -7.22 -23.83 -6.48
C GLU C 205 -7.90 -23.91 -7.85
N GLY C 206 -8.46 -25.09 -8.15
CA GLY C 206 -9.29 -25.27 -9.32
C GLY C 206 -10.76 -25.20 -8.92
N ASP C 207 -11.38 -24.06 -9.15
CA ASP C 207 -12.76 -23.82 -8.75
C ASP C 207 -13.47 -22.94 -9.78
N PRO C 208 -14.79 -23.17 -9.98
CA PRO C 208 -15.51 -22.38 -10.99
C PRO C 208 -15.48 -20.88 -10.73
N PHE C 209 -15.78 -20.49 -9.49
CA PHE C 209 -15.83 -19.06 -9.14
C PHE C 209 -14.53 -18.36 -9.44
N ILE C 210 -13.43 -19.08 -9.32
CA ILE C 210 -12.10 -18.50 -9.51
C ILE C 210 -11.86 -18.11 -10.96
N ALA C 211 -12.04 -19.06 -11.88
CA ALA C 211 -11.79 -18.80 -13.30
C ALA C 211 -12.78 -17.77 -13.86
N PHE C 212 -14.00 -17.77 -13.35
CA PHE C 212 -14.99 -16.78 -13.76
C PHE C 212 -14.62 -15.41 -13.21
N GLN C 213 -14.19 -15.38 -11.96
CA GLN C 213 -13.71 -14.17 -11.31
C GLN C 213 -12.49 -13.63 -12.05
N GLN C 214 -11.68 -14.57 -12.55
CA GLN C 214 -10.50 -14.24 -13.34
C GLN C 214 -10.87 -13.50 -14.63
N LEU C 215 -12.15 -13.59 -15.00
CA LEU C 215 -12.64 -13.04 -16.26
C LEU C 215 -13.92 -12.24 -16.04
N GLU D 16 17.52 17.54 21.29
CA GLU D 16 17.13 16.14 21.40
C GLU D 16 16.99 15.51 20.03
N ALA D 17 16.60 16.31 19.05
CA ALA D 17 16.43 15.84 17.67
C ALA D 17 17.75 15.79 16.92
N VAL D 18 18.61 16.77 17.18
CA VAL D 18 19.87 16.91 16.46
C VAL D 18 20.81 15.73 16.72
N ASN D 19 20.84 15.27 17.97
CA ASN D 19 21.67 14.12 18.33
C ASN D 19 21.31 12.90 17.49
N ALA D 20 20.00 12.70 17.30
CA ALA D 20 19.51 11.60 16.50
C ALA D 20 19.37 11.99 15.02
N PHE D 21 20.47 12.42 14.42
CA PHE D 21 20.48 12.74 13.00
C PHE D 21 21.76 12.24 12.33
N ASN D 22 21.59 11.40 11.31
CA ASN D 22 22.70 10.86 10.54
C ASN D 22 22.72 11.44 9.13
N PRO D 23 23.79 12.18 8.78
CA PRO D 23 23.85 12.73 7.41
C PRO D 23 24.33 11.75 6.35
N ASN D 24 24.91 10.62 6.75
CA ASN D 24 25.48 9.69 5.80
C ASN D 24 24.46 8.96 4.91
N PRO D 25 23.28 8.60 5.45
CA PRO D 25 22.32 7.95 4.56
C PRO D 25 21.74 8.90 3.50
N ILE D 26 21.42 10.13 3.90
CA ILE D 26 20.87 11.11 2.96
C ILE D 26 21.92 11.50 1.91
N GLU D 27 23.18 11.23 2.19
CA GLU D 27 24.27 11.51 1.24
C GLU D 27 24.20 10.61 0.01
N LYS D 28 23.45 9.51 0.12
CA LYS D 28 23.32 8.56 -0.99
C LYS D 28 22.22 8.94 -1.97
N TRP D 29 21.54 10.05 -1.70
CA TRP D 29 20.34 10.40 -2.45
C TRP D 29 20.62 11.11 -3.77
N THR D 30 21.13 10.34 -4.73
CA THR D 30 21.25 10.80 -6.11
C THR D 30 20.12 10.20 -6.93
N GLY D 31 19.82 10.81 -8.08
CA GLY D 31 18.73 10.36 -8.91
C GLY D 31 18.19 11.51 -9.75
N ARG D 32 16.88 11.55 -9.92
CA ARG D 32 16.26 12.60 -10.72
C ARG D 32 14.89 13.03 -10.21
N PHE D 33 14.63 14.33 -10.31
CA PHE D 33 13.28 14.87 -10.20
C PHE D 33 12.78 15.10 -11.62
N ASN D 34 11.72 14.38 -12.01
CA ASN D 34 11.32 14.31 -13.40
C ASN D 34 12.51 13.90 -14.27
N THR D 35 13.02 14.84 -15.07
CA THR D 35 14.12 14.56 -16.00
C THR D 35 15.42 15.19 -15.52
N GLU D 36 15.34 15.99 -14.45
CA GLU D 36 16.49 16.74 -13.97
C GLU D 36 17.31 15.95 -12.97
N ASN D 37 18.63 15.93 -13.15
CA ASN D 37 19.53 15.28 -12.21
C ASN D 37 19.52 15.99 -10.86
N ALA D 38 19.39 15.20 -9.79
CA ALA D 38 19.37 15.74 -8.45
C ALA D 38 20.79 15.98 -7.94
N SER D 39 20.94 16.95 -7.05
CA SER D 39 22.22 17.25 -6.44
C SER D 39 22.12 17.29 -4.92
N VAL D 40 22.83 16.40 -4.26
CA VAL D 40 22.90 16.40 -2.80
C VAL D 40 23.76 17.58 -2.34
N ARG D 41 23.15 18.48 -1.58
CA ARG D 41 23.85 19.66 -1.10
C ARG D 41 23.83 19.73 0.42
N ARG D 42 25.00 20.03 0.99
CA ARG D 42 25.20 20.04 2.43
C ARG D 42 25.14 21.47 2.97
N ARG D 43 24.30 21.68 3.98
CA ARG D 43 24.10 23.00 4.56
C ARG D 43 24.31 22.97 6.06
N THR D 44 24.17 24.14 6.69
CA THR D 44 24.37 24.28 8.14
C THR D 44 23.31 25.18 8.74
N THR D 55 21.65 21.98 7.24
CA THR D 55 21.27 20.57 7.17
C THR D 55 21.69 19.95 5.85
N VAL D 56 21.04 18.86 5.45
CA VAL D 56 21.33 18.22 4.18
C VAL D 56 20.04 17.88 3.43
N TYR D 57 20.09 17.99 2.11
CA TYR D 57 18.95 17.67 1.27
C TYR D 57 19.38 17.53 -0.19
N THR D 58 18.69 16.67 -0.94
CA THR D 58 18.92 16.55 -2.37
C THR D 58 17.89 17.41 -3.10
N GLU D 59 18.31 18.02 -4.20
CA GLU D 59 17.46 19.02 -4.87
C GLU D 59 17.71 19.11 -6.38
N ALA D 60 16.86 19.88 -7.05
CA ALA D 60 17.00 20.14 -8.47
C ALA D 60 16.15 21.34 -8.87
N THR D 61 16.55 22.02 -9.95
CA THR D 61 15.80 23.15 -10.48
C THR D 61 15.01 22.71 -11.70
N LEU D 62 13.69 22.88 -11.65
CA LEU D 62 12.79 22.39 -12.69
C LEU D 62 12.21 23.52 -13.55
N PRO D 63 12.34 23.41 -14.88
CA PRO D 63 11.66 24.39 -15.74
C PRO D 63 10.16 24.15 -15.79
N LEU D 64 9.39 25.17 -16.14
CA LEU D 64 7.95 25.01 -16.32
C LEU D 64 7.66 24.70 -17.78
N ASN D 65 7.65 23.40 -18.11
CA ASN D 65 7.42 22.94 -19.46
C ASN D 65 6.23 21.95 -19.50
N LYS D 66 6.46 20.73 -19.97
CA LYS D 66 5.40 19.74 -20.05
C LYS D 66 5.06 19.16 -18.68
N ASP D 67 5.88 19.45 -17.68
CA ASP D 67 5.62 18.98 -16.32
C ASP D 67 4.47 19.77 -15.69
N VAL D 68 4.04 20.84 -16.35
CA VAL D 68 2.92 21.65 -15.91
C VAL D 68 1.68 21.37 -16.77
N THR D 69 0.57 21.13 -16.11
CA THR D 69 -0.70 20.85 -16.80
C THR D 69 -1.86 21.46 -16.05
N ASP D 70 -2.57 22.39 -16.70
CA ASP D 70 -3.73 23.04 -16.13
C ASP D 70 -3.39 23.70 -14.78
N GLY D 71 -2.22 24.32 -14.72
CA GLY D 71 -1.79 25.04 -13.54
C GLY D 71 -1.27 24.15 -12.42
N ARG D 72 -1.23 22.84 -12.67
CA ARG D 72 -0.77 21.88 -11.68
C ARG D 72 0.57 21.27 -12.10
N LEU D 73 1.56 21.36 -11.22
CA LEU D 73 2.91 20.88 -11.52
C LEU D 73 3.14 19.46 -11.01
N THR D 74 3.55 18.57 -11.91
CA THR D 74 3.78 17.17 -11.57
C THR D 74 5.27 16.87 -11.43
N VAL D 75 5.63 16.21 -10.33
CA VAL D 75 7.00 15.84 -10.05
C VAL D 75 7.13 14.36 -9.75
N VAL D 76 7.91 13.65 -10.57
CA VAL D 76 8.19 12.24 -10.32
C VAL D 76 9.55 12.14 -9.63
N VAL D 77 9.56 11.55 -8.44
CA VAL D 77 10.77 11.44 -7.64
C VAL D 77 11.40 10.06 -7.77
N ASN D 78 12.55 10.01 -8.45
CA ASN D 78 13.31 8.77 -8.57
C ASN D 78 14.70 8.92 -7.96
N ILE D 79 14.74 8.98 -6.63
CA ILE D 79 15.98 9.15 -5.89
C ILE D 79 16.45 7.83 -5.31
N ASN D 80 17.73 7.54 -5.48
CA ASN D 80 18.34 6.31 -4.95
C ASN D 80 18.01 6.11 -3.48
N THR D 81 17.64 4.88 -3.12
CA THR D 81 17.30 4.48 -1.75
C THR D 81 15.87 4.88 -1.36
N VAL D 82 15.24 5.74 -2.15
CA VAL D 82 13.87 6.19 -1.86
C VAL D 82 12.86 5.53 -2.80
N GLN D 83 11.80 4.97 -2.22
CA GLN D 83 10.71 4.41 -3.02
C GLN D 83 10.15 5.48 -3.94
N PRO D 84 10.06 5.20 -5.26
CA PRO D 84 9.58 6.25 -6.16
C PRO D 84 8.14 6.67 -5.88
N PHE D 85 7.85 7.96 -6.05
CA PHE D 85 6.50 8.47 -5.88
C PHE D 85 6.30 9.72 -6.71
N THR D 86 5.06 10.20 -6.76
CA THR D 86 4.72 11.38 -7.54
C THR D 86 4.04 12.42 -6.66
N ARG D 87 4.43 13.68 -6.84
CA ARG D 87 3.83 14.80 -6.15
C ARG D 87 3.22 15.79 -7.14
N ARG D 88 1.96 16.15 -6.90
CA ARG D 88 1.26 17.15 -7.71
C ARG D 88 0.88 18.33 -6.83
N THR D 89 1.24 19.53 -7.27
CA THR D 89 0.99 20.74 -6.48
C THR D 89 0.68 21.94 -7.38
N PRO D 90 -0.29 22.78 -6.97
CA PRO D 90 -0.65 23.93 -7.83
C PRO D 90 0.46 24.97 -7.89
N LEU D 91 0.62 25.62 -9.04
CA LEU D 91 1.67 26.62 -9.21
C LEU D 91 1.37 27.90 -8.44
N ARG D 92 0.09 28.28 -8.40
CA ARG D 92 -0.35 29.46 -7.68
C ARG D 92 -1.45 29.11 -6.69
N VAL D 93 -1.45 29.81 -5.55
CA VAL D 93 -2.46 29.62 -4.52
C VAL D 93 -2.89 30.96 -3.95
N LYS D 94 -4.16 31.05 -3.56
CA LYS D 94 -4.66 32.20 -2.83
C LYS D 94 -4.36 32.02 -1.35
N ARG D 95 -3.71 33.01 -0.73
CA ARG D 95 -3.51 32.96 0.71
C ARG D 95 -4.29 34.09 1.37
N GLU D 96 -5.12 33.71 2.33
CA GLU D 96 -5.94 34.65 3.08
C GLU D 96 -5.62 34.53 4.56
N LYS D 97 -5.14 35.63 5.15
CA LYS D 97 -4.85 35.66 6.57
C LYS D 97 -5.73 36.69 7.27
N TRP D 98 -6.50 36.23 8.25
CA TRP D 98 -7.37 37.09 9.04
C TRP D 98 -6.65 37.60 10.28
N TYR D 99 -7.03 38.79 10.73
CA TYR D 99 -6.59 39.28 12.03
C TYR D 99 -7.78 39.36 12.98
N THR D 100 -7.65 38.69 14.13
CA THR D 100 -8.64 38.76 15.19
C THR D 100 -7.99 39.37 16.44
N CYS D 101 -8.72 40.27 17.08
CA CYS D 101 -8.22 40.97 18.25
C CYS D 101 -8.28 40.07 19.49
N SER D 102 -7.14 39.94 20.16
CA SER D 102 -7.05 39.16 21.39
C SER D 102 -6.58 40.05 22.54
N SER D 103 -6.67 39.54 23.77
CA SER D 103 -6.36 40.32 24.96
C SER D 103 -4.93 40.85 24.98
N SER D 104 -3.99 40.05 24.47
CA SER D 104 -2.58 40.43 24.47
C SER D 104 -2.32 41.74 23.73
N GLN D 105 -3.11 41.99 22.69
CA GLN D 105 -2.91 43.16 21.83
C GLN D 105 -3.96 44.23 22.12
N CYS D 106 -4.85 43.93 23.05
CA CYS D 106 -5.94 44.85 23.38
C CYS D 106 -5.45 46.01 24.24
N SER D 107 -6.05 47.18 24.04
CA SER D 107 -5.68 48.39 24.77
C SER D 107 -5.86 48.20 26.27
N SER D 111 -13.46 44.54 27.82
CA SER D 111 -14.28 44.07 26.71
C SER D 111 -14.44 45.14 25.64
N LYS D 112 -14.33 46.40 26.03
CA LYS D 112 -14.49 47.53 25.11
C LYS D 112 -13.17 47.96 24.48
N CYS D 113 -12.10 47.23 24.81
CA CYS D 113 -10.76 47.52 24.30
C CYS D 113 -10.69 47.39 22.78
N ASP D 114 -9.62 47.92 22.20
CA ASP D 114 -9.38 47.80 20.77
C ASP D 114 -7.90 47.49 20.49
N CYS D 115 -7.65 46.72 19.44
CA CYS D 115 -6.29 46.37 19.04
C CYS D 115 -5.89 47.20 17.82
N HIS D 116 -6.18 48.50 17.85
CA HIS D 116 -5.91 49.37 16.71
C HIS D 116 -4.43 49.40 16.35
N ARG D 117 -3.58 49.40 17.36
CA ARG D 117 -2.13 49.46 17.16
C ARG D 117 -1.63 48.29 16.32
N LYS D 118 -2.13 47.10 16.63
CA LYS D 118 -1.67 45.89 15.97
C LYS D 118 -2.25 45.78 14.55
N HIS D 119 -3.52 46.14 14.39
CA HIS D 119 -4.19 45.97 13.10
C HIS D 119 -3.59 46.91 12.04
N ASP D 120 -3.05 48.04 12.50
CA ASP D 120 -2.30 48.94 11.61
C ASP D 120 -1.04 48.22 11.12
N GLU D 121 -0.38 47.52 12.04
CA GLU D 121 0.83 46.77 11.72
C GLU D 121 0.50 45.62 10.77
N PHE D 122 -0.66 45.01 10.98
CA PHE D 122 -1.14 43.92 10.12
C PHE D 122 -1.43 44.45 8.71
N ARG D 123 -2.14 45.58 8.65
CA ARG D 123 -2.47 46.23 7.39
C ARG D 123 -1.21 46.64 6.63
N ASN D 124 -0.28 47.26 7.34
CA ASN D 124 0.98 47.74 6.74
C ASN D 124 1.80 46.58 6.18
N LYS D 125 1.86 45.48 6.92
CA LYS D 125 2.63 44.32 6.50
C LYS D 125 2.01 43.68 5.27
N CYS D 126 0.67 43.67 5.23
CA CYS D 126 -0.07 43.08 4.13
C CYS D 126 0.25 43.74 2.79
N ILE D 127 0.35 45.07 2.79
CA ILE D 127 0.63 45.82 1.58
C ILE D 127 2.13 45.87 1.29
N SER D 128 2.94 45.82 2.35
CA SER D 128 4.39 45.81 2.18
C SER D 128 4.84 44.56 1.43
N GLU D 129 4.34 43.40 1.86
CA GLU D 129 4.69 42.14 1.20
C GLU D 129 4.07 42.06 -0.18
N GLY D 130 2.99 42.82 -0.39
CA GLY D 130 2.34 42.91 -1.69
C GLY D 130 0.96 42.29 -1.72
N GLY D 131 0.14 42.65 -0.74
CA GLY D 131 -1.21 42.13 -0.63
C GLY D 131 -2.27 43.21 -0.58
N ARG D 132 -3.52 42.80 -0.71
CA ARG D 132 -4.65 43.72 -0.66
C ARG D 132 -5.42 43.52 0.65
N TYR D 133 -5.57 44.60 1.43
CA TYR D 133 -6.21 44.51 2.73
C TYR D 133 -7.71 44.81 2.64
N THR D 134 -8.46 44.27 3.60
CA THR D 134 -9.91 44.45 3.66
C THR D 134 -10.36 44.55 5.11
N THR D 135 -11.47 45.23 5.35
CA THR D 135 -12.01 45.39 6.70
C THR D 135 -13.44 44.86 6.78
N SER D 138 -14.45 46.77 11.93
CA SER D 138 -14.47 48.22 11.88
C SER D 138 -13.78 48.81 13.12
N LYS D 139 -14.44 48.70 14.26
CA LYS D 139 -13.89 49.22 15.52
C LYS D 139 -12.68 48.38 15.92
N CYS D 140 -12.69 47.11 15.53
CA CYS D 140 -11.62 46.17 15.84
C CYS D 140 -11.47 46.00 17.35
N ARG D 141 -12.54 45.56 17.99
CA ARG D 141 -12.54 45.31 19.43
C ARG D 141 -12.31 43.83 19.72
N LEU D 142 -12.21 43.48 21.00
CA LEU D 142 -11.92 42.11 21.42
C LEU D 142 -12.93 41.11 20.87
N GLY D 143 -12.43 40.08 20.19
CA GLY D 143 -13.26 39.04 19.64
C GLY D 143 -13.63 39.27 18.19
N GLU D 144 -13.65 40.54 17.78
CA GLU D 144 -13.99 40.90 16.41
C GLU D 144 -12.85 40.55 15.45
N LYS D 145 -13.21 40.15 14.23
CA LYS D 145 -12.24 39.97 13.16
C LYS D 145 -12.04 41.31 12.46
N CYS D 146 -10.89 41.92 12.71
CA CYS D 146 -10.63 43.28 12.24
C CYS D 146 -10.58 43.35 10.72
N GLY D 147 -9.85 42.43 10.10
CA GLY D 147 -9.74 42.40 8.65
C GLY D 147 -8.97 41.19 8.16
N TYR D 148 -8.76 41.12 6.85
CA TYR D 148 -7.98 40.03 6.26
C TYR D 148 -7.15 40.51 5.07
N CYS D 149 -6.09 39.76 4.78
CA CYS D 149 -5.18 40.08 3.68
C CYS D 149 -5.21 39.00 2.61
N LYS D 150 -5.66 39.36 1.42
CA LYS D 150 -5.71 38.43 0.29
C LYS D 150 -4.53 38.69 -0.65
N GLN D 151 -3.89 37.61 -1.08
CA GLN D 151 -2.78 37.73 -2.02
C GLN D 151 -2.61 36.46 -2.86
N ASN D 152 -2.32 36.64 -4.14
CA ASN D 152 -1.97 35.52 -5.01
C ASN D 152 -0.47 35.30 -5.00
N VAL D 153 -0.07 34.09 -4.63
CA VAL D 153 1.34 33.75 -4.51
C VAL D 153 1.67 32.54 -5.37
N TYR D 154 2.91 32.46 -5.84
CA TYR D 154 3.33 31.44 -6.79
C TYR D 154 4.45 30.56 -6.23
N LEU D 155 4.31 29.26 -6.42
CA LEU D 155 5.29 28.29 -5.93
C LEU D 155 6.67 28.56 -6.52
N ALA D 156 7.67 28.66 -5.64
CA ALA D 156 9.05 28.87 -6.05
C ALA D 156 9.94 27.76 -5.54
N THR D 157 9.59 27.21 -4.39
CA THR D 157 10.32 26.09 -3.80
C THR D 157 9.37 25.01 -3.30
N LEU D 158 9.66 23.76 -3.66
CA LEU D 158 8.83 22.62 -3.25
C LEU D 158 9.59 21.73 -2.28
N TYR D 159 8.98 21.46 -1.13
CA TYR D 159 9.60 20.66 -0.08
C TYR D 159 8.97 19.28 0.00
N LEU D 160 9.80 18.24 -0.14
CA LEU D 160 9.36 16.86 -0.02
C LEU D 160 10.08 16.20 1.15
N VAL D 161 9.44 15.22 1.78
CA VAL D 161 10.02 14.52 2.92
C VAL D 161 9.84 13.01 2.80
N ALA D 162 10.91 12.27 3.06
CA ALA D 162 10.87 10.81 3.03
C ALA D 162 11.21 10.23 4.39
N GLY D 163 10.42 9.25 4.83
CA GLY D 163 10.64 8.58 6.11
C GLY D 163 11.21 7.19 5.92
N SER D 164 12.06 6.78 6.84
CA SER D 164 12.70 5.47 6.75
C SER D 164 11.72 4.34 7.01
N VAL D 165 11.96 3.20 6.37
CA VAL D 165 11.14 2.00 6.57
C VAL D 165 12.02 0.78 6.79
N GLY D 168 16.63 -0.15 5.44
CA GLY D 168 17.41 1.03 5.15
C GLY D 168 16.92 1.77 3.92
N MET D 169 15.62 1.65 3.64
CA MET D 169 15.00 2.30 2.50
C MET D 169 14.11 3.45 2.96
N TYR D 170 13.62 4.23 2.00
CA TYR D 170 12.78 5.38 2.31
C TYR D 170 11.47 5.39 1.52
N ARG D 171 10.42 5.86 2.17
CA ARG D 171 9.12 6.05 1.55
C ARG D 171 8.67 7.47 1.87
N GLU D 172 7.83 8.07 1.03
CA GLU D 172 7.39 9.43 1.27
C GLU D 172 6.62 9.49 2.60
N SER D 173 6.95 10.49 3.41
CA SER D 173 6.39 10.59 4.75
C SER D 173 4.88 10.87 4.71
N ASP D 174 4.13 10.09 5.47
CA ASP D 174 2.68 10.28 5.58
C ASP D 174 2.36 11.55 6.36
N LYS D 175 3.13 11.80 7.41
CA LYS D 175 2.82 12.88 8.34
C LYS D 175 3.70 14.11 8.11
N TYR D 176 4.44 14.13 7.00
CA TYR D 176 5.23 15.29 6.63
C TYR D 176 5.15 15.54 5.13
N GLN D 177 4.07 16.20 4.71
CA GLN D 177 3.86 16.52 3.31
C GLN D 177 4.77 17.66 2.86
N SER D 178 5.35 18.37 3.83
CA SER D 178 6.30 19.43 3.55
C SER D 178 7.31 19.57 4.69
N ALA D 179 8.47 20.11 4.36
CA ALA D 179 9.50 20.38 5.36
C ALA D 179 9.13 21.60 6.19
N LEU D 180 8.39 22.52 5.56
CA LEU D 180 7.97 23.75 6.23
C LEU D 180 6.76 23.52 7.14
N TYR D 181 6.78 24.19 8.29
CA TYR D 181 5.64 24.21 9.19
C TYR D 181 4.45 24.87 8.48
N PRO D 182 3.23 24.33 8.63
CA PRO D 182 2.77 23.17 9.41
C PRO D 182 2.89 21.81 8.72
N PHE D 183 3.73 21.72 7.70
CA PHE D 183 4.07 20.44 7.04
C PHE D 183 2.92 19.82 6.25
N TYR D 184 1.94 20.62 5.86
CA TYR D 184 0.90 20.16 4.94
C TYR D 184 1.45 20.23 3.52
N ASP D 185 0.85 19.49 2.59
CA ASP D 185 1.31 19.50 1.21
C ASP D 185 1.14 20.88 0.59
N ILE D 186 0.27 21.69 1.20
CA ILE D 186 0.03 23.05 0.73
C ILE D 186 1.06 24.03 1.32
N SER D 187 1.81 23.56 2.32
CA SER D 187 2.79 24.40 3.00
C SER D 187 4.12 24.46 2.25
N GLN D 188 4.17 25.26 1.18
CA GLN D 188 5.34 25.33 0.32
C GLN D 188 5.92 26.74 0.23
N GLY D 189 7.13 26.84 -0.28
CA GLY D 189 7.79 28.13 -0.47
C GLY D 189 7.20 28.87 -1.64
N TYR D 190 6.55 30.00 -1.35
CA TYR D 190 5.88 30.80 -2.37
C TYR D 190 6.57 32.15 -2.56
N GLU D 191 6.16 32.87 -3.60
CA GLU D 191 6.71 34.19 -3.89
C GLU D 191 5.64 35.10 -4.51
N PRO D 192 5.75 36.42 -4.26
CA PRO D 192 4.81 37.38 -4.87
C PRO D 192 4.78 37.32 -6.40
N ARG D 193 5.92 37.05 -7.02
CA ARG D 193 6.02 36.94 -8.47
C ARG D 193 6.42 35.53 -8.88
N GLN D 194 5.73 34.99 -9.89
CA GLN D 194 5.99 33.65 -10.39
C GLN D 194 7.42 33.54 -10.93
N PRO D 195 8.16 32.51 -10.52
CA PRO D 195 9.52 32.34 -11.07
C PRO D 195 9.52 31.58 -12.40
N SER D 196 10.62 31.64 -13.11
CA SER D 196 10.76 30.94 -14.39
C SER D 196 11.06 29.47 -14.19
N SER D 197 11.35 29.08 -12.95
CA SER D 197 11.65 27.69 -12.62
C SER D 197 11.43 27.43 -11.13
N VAL D 198 11.01 26.20 -10.81
CA VAL D 198 10.76 25.81 -9.43
C VAL D 198 11.87 24.87 -8.94
N ASN D 199 12.27 25.07 -7.69
CA ASN D 199 13.29 24.22 -7.07
C ASN D 199 12.68 23.18 -6.15
N VAL D 200 13.07 21.92 -6.35
CA VAL D 200 12.58 20.82 -5.53
C VAL D 200 13.61 20.48 -4.46
N ARG D 201 13.14 20.14 -3.27
CA ARG D 201 14.01 19.74 -2.18
C ARG D 201 13.40 18.55 -1.44
N LEU D 202 14.17 17.46 -1.35
CA LEU D 202 13.75 16.28 -0.64
C LEU D 202 14.52 16.15 0.67
N TYR D 203 13.78 16.06 1.77
CA TYR D 203 14.37 15.99 3.11
C TYR D 203 14.12 14.64 3.77
N SER D 204 14.86 14.36 4.83
CA SER D 204 14.58 13.24 5.71
C SER D 204 13.68 13.72 6.85
N GLU D 205 13.04 12.79 7.56
CA GLU D 205 12.19 13.16 8.69
C GLU D 205 13.03 13.62 9.87
N GLY D 206 14.07 12.86 10.19
CA GLY D 206 14.96 13.20 11.30
C GLY D 206 15.78 14.46 11.04
N ASP D 207 15.59 15.06 9.87
CA ASP D 207 16.29 16.27 9.46
C ASP D 207 16.04 17.42 10.45
N PRO D 208 17.12 18.09 10.91
CA PRO D 208 16.96 19.18 11.88
C PRO D 208 16.19 20.38 11.35
N PHE D 209 16.19 20.59 10.03
CA PHE D 209 15.46 21.69 9.42
C PHE D 209 13.98 21.64 9.80
N ILE D 210 13.44 20.42 9.88
CA ILE D 210 12.05 20.22 10.24
C ILE D 210 11.83 20.52 11.71
N ALA D 211 12.76 20.07 12.55
CA ALA D 211 12.68 20.30 13.99
C ALA D 211 12.69 21.78 14.30
N PHE D 212 13.60 22.52 13.65
CA PHE D 212 13.67 23.96 13.83
C PHE D 212 12.42 24.63 13.28
N GLN D 213 11.92 24.13 12.16
CA GLN D 213 10.69 24.64 11.57
C GLN D 213 9.51 24.41 12.51
N GLN D 214 9.59 23.34 13.30
CA GLN D 214 8.54 23.02 14.26
C GLN D 214 8.55 24.00 15.43
N LEU D 215 9.59 24.84 15.48
CA LEU D 215 9.67 25.92 16.46
C LEU D 215 9.38 27.26 15.80
N THR D 216 8.24 27.35 15.12
CA THR D 216 7.77 28.61 14.54
C THR D 216 6.24 28.67 14.61
N UNK E 1 -18.10 -8.36 -23.55
CA UNK E 1 -17.84 -7.44 -24.71
C UNK E 1 -16.40 -7.50 -25.16
N UNK E 2 -16.07 -6.69 -26.18
CA UNK E 2 -14.71 -6.64 -26.72
C UNK E 2 -14.16 -5.22 -26.68
N UNK E 3 -12.90 -5.10 -26.29
CA UNK E 3 -12.23 -3.81 -26.22
C UNK E 3 -10.93 -3.84 -27.01
N UNK E 4 -11.03 -3.57 -28.31
CA UNK E 4 -9.89 -3.64 -29.22
C UNK E 4 -9.36 -2.25 -29.55
N UNK E 5 -8.06 -2.17 -29.84
CA UNK E 5 -7.44 -0.93 -30.27
C UNK E 5 -7.85 -0.60 -31.71
N UNK E 6 -8.07 0.68 -31.98
CA UNK E 6 -8.50 1.13 -33.30
C UNK E 6 -7.31 1.60 -34.13
N UNK E 7 -7.55 1.85 -35.42
CA UNK E 7 -6.54 2.38 -36.30
C UNK E 7 -6.12 3.77 -35.87
N UNK E 8 -4.92 4.17 -36.26
CA UNK E 8 -4.33 5.42 -35.77
C UNK E 8 -4.84 6.64 -36.54
N UNK E 9 -5.62 6.42 -37.60
CA UNK E 9 -6.22 7.53 -38.33
C UNK E 9 -7.32 8.17 -37.49
N UNK E 10 -6.89 8.82 -36.40
CA UNK E 10 -7.80 9.49 -35.47
C UNK E 10 -7.58 10.99 -35.51
N UNK E 11 -8.42 11.73 -34.79
CA UNK E 11 -8.31 13.19 -34.73
C UNK E 11 -8.51 13.69 -33.30
N UNK E 12 -7.79 14.76 -32.97
CA UNK E 12 -7.90 15.40 -31.67
C UNK E 12 -7.61 16.89 -31.78
N UNK E 13 -8.20 17.67 -30.88
CA UNK E 13 -8.02 19.12 -30.86
C UNK E 13 -7.44 19.57 -29.52
N UNK E 14 -6.31 20.26 -29.59
CA UNK E 14 -5.61 20.70 -28.40
C UNK E 14 -6.45 21.60 -27.51
S SO4 F . -27.53 14.65 -51.91
O1 SO4 F . -28.51 15.38 -52.71
O2 SO4 F . -28.12 13.41 -51.43
O3 SO4 F . -26.36 14.37 -52.73
O4 SO4 F . -27.14 15.48 -50.76
S SO4 G . -9.69 0.86 -38.29
O1 SO4 G . -8.49 0.04 -38.37
O2 SO4 G . -10.79 0.19 -38.99
O3 SO4 G . -9.43 2.16 -38.92
O4 SO4 G . -10.07 1.06 -36.89
S SO4 H . -2.95 23.39 -20.40
O1 SO4 H . -3.17 24.37 -21.48
O2 SO4 H . -2.29 22.19 -20.95
O3 SO4 H . -4.24 23.01 -19.80
O4 SO4 H . -2.07 23.99 -19.35
S SO4 I . -3.52 18.26 -25.42
O1 SO4 I . -3.67 17.52 -26.68
O2 SO4 I . -4.85 18.49 -24.85
O3 SO4 I . -2.71 17.48 -24.48
O4 SO4 I . -2.87 19.55 -25.68
C1 GOL J . -10.60 -2.05 -15.73
O1 GOL J . -9.57 -1.38 -16.45
C2 GOL J . -11.07 -1.18 -14.58
O2 GOL J . -12.45 -1.42 -14.37
C3 GOL J . -10.30 -1.48 -13.30
O3 GOL J . -10.42 -0.40 -12.40
S SO4 K . 22.38 8.33 49.44
O1 SO4 K . 21.68 8.53 48.17
O2 SO4 K . 22.75 6.93 49.59
O3 SO4 K . 23.58 9.16 49.46
O4 SO4 K . 21.48 8.72 50.53
S SO4 L . -2.56 -3.54 20.04
O1 SO4 L . -1.28 -3.42 19.35
O2 SO4 L . -3.47 -4.38 19.27
O3 SO4 L . -2.34 -4.14 21.35
O4 SO4 L . -3.13 -2.22 20.20
C1 GOL M . 18.02 -20.06 19.89
O1 GOL M . 16.82 -20.61 19.37
C2 GOL M . 19.13 -20.13 18.85
O2 GOL M . 20.21 -19.30 19.22
C3 GOL M . 18.65 -19.68 17.47
O3 GOL M . 19.75 -19.20 16.74
S SO4 N . -11.59 15.18 -21.29
O1 SO4 N . -11.20 13.98 -22.03
O2 SO4 N . -11.75 16.29 -22.21
O3 SO4 N . -10.56 15.50 -20.30
O4 SO4 N . -12.85 14.92 -20.60
S SO4 O . 5.07 -6.55 12.03
O1 SO4 O . 4.57 -6.50 10.65
O2 SO4 O . 4.46 -7.68 12.73
O3 SO4 O . 6.52 -6.70 12.03
O4 SO4 O . 4.71 -5.31 12.72
#